data_2B3E
# 
_entry.id   2B3E 
# 
_audit_conform.dict_name       mmcif_pdbx.dic 
_audit_conform.dict_version    5.376 
_audit_conform.dict_location   http://mmcif.pdb.org/dictionaries/ascii/mmcif_pdbx.dic 
# 
loop_
_database_2.database_id 
_database_2.database_code 
_database_2.pdbx_database_accession 
_database_2.pdbx_DOI 
PDB   2B3E         pdb_00002b3e 10.2210/pdb2b3e/pdb 
NDB   DD0076       ?            ?                   
RCSB  RCSB034625   ?            ?                   
WWPDB D_1000034625 ?            ?                   
# 
loop_
_pdbx_database_related.db_name 
_pdbx_database_related.db_id 
_pdbx_database_related.details 
_pdbx_database_related.content_type 
NDB GDL009 'DNA COMPONENT.' unspecified 
PDB 2DBE   'DNA COMPONENT.' unspecified 
NDB DD0069 .                unspecified 
PDB 1VZK   .                unspecified 
PDB 2B0k   .                unspecified 
PDB 2B2B   .                unspecified 
# 
_pdbx_database_status.status_code                     REL 
_pdbx_database_status.entry_id                        2B3E 
_pdbx_database_status.recvd_initial_deposition_date   2005-09-20 
_pdbx_database_status.deposit_site                    RCSB 
_pdbx_database_status.process_site                    RCSB 
_pdbx_database_status.status_code_sf                  REL 
_pdbx_database_status.status_code_mr                  ? 
_pdbx_database_status.SG_entry                        ? 
_pdbx_database_status.pdb_format_compatible           Y 
_pdbx_database_status.status_code_cs                  ? 
_pdbx_database_status.methods_development_category    ? 
_pdbx_database_status.status_code_nmr_data            ? 
# 
loop_
_audit_author.name 
_audit_author.pdbx_ordinal 
'Campbell, N.H.'  1 
'Evans, D.A.'     2 
'Lee, M.P.'       3 
'Parkinson, G.N.' 4 
'Neidle, S.'      5 
# 
_citation.id                        primary 
_citation.title                     
;Targeting the DNA minor groove with fused ring dicationic compounds: Comparison of in silico screening and a high-resolution crystal structure.
;
_citation.journal_abbrev            Bioorg.Med.Chem.Lett. 
_citation.journal_volume            16 
_citation.page_first                15 
_citation.page_last                 19 
_citation.year                      2006 
_citation.journal_id_ASTM           BMCLE8 
_citation.country                   UK 
_citation.journal_id_ISSN           0960-894X 
_citation.journal_id_CSD            1127 
_citation.book_publisher            ? 
_citation.pdbx_database_id_PubMed   16263285 
_citation.pdbx_database_id_DOI      10.1016/j.bmcl.2005.10.036 
# 
loop_
_citation_author.citation_id 
_citation_author.name 
_citation_author.ordinal 
_citation_author.identifier_ORCID 
primary 'Campbell, N.H.'  1 ? 
primary 'Evans, D.A.'     2 ? 
primary 'Lee, M.P.'       3 ? 
primary 'Parkinson, G.N.' 4 ? 
primary 'Neidle, S.'      5 ? 
# 
_cell.entry_id           2B3E 
_cell.length_a           24.196 
_cell.length_b           39.960 
_cell.length_c           65.525 
_cell.angle_alpha        90.00 
_cell.angle_beta         90.00 
_cell.angle_gamma        90.00 
_cell.Z_PDB              8 
_cell.pdbx_unique_axis   ? 
# 
_symmetry.entry_id                         2B3E 
_symmetry.space_group_name_H-M             'P 21 21 21' 
_symmetry.pdbx_full_space_group_name_H-M   ? 
_symmetry.Int_Tables_number                19 
_symmetry.cell_setting                     ? 
_symmetry.space_group_name_Hall            ? 
# 
loop_
_entity.id 
_entity.type 
_entity.src_method 
_entity.pdbx_description 
_entity.formula_weight 
_entity.pdbx_number_of_molecules 
_entity.pdbx_ec 
_entity.pdbx_mutation 
_entity.pdbx_fragment 
_entity.details 
1 polymer     syn "5'-D(*CP*GP*CP*GP*AP*AP*TP*TP*CP*GP*CP*G)-3'"                                                               
3663.392 2   ? ? ? ? 
2 non-polymer syn 'MAGNESIUM ION'                                                                                              
24.305   1   ? ? ? ? 
3 non-polymer syn '6-(4,5-DIHYDRO-1H-IMIDAZOL-2-YL)-2-{5-[4-(4,5-DIHYDRO-1H-IMIDAZOL-2-YL)PHENYL]THIEN-2-YL}-1H-BENZIMIDAZOLE' 
412.510  1   ? ? ? ? 
4 water       nat water                                                                                                        
18.015   107 ? ? ? ? 
# 
_entity_poly.entity_id                      1 
_entity_poly.type                           polydeoxyribonucleotide 
_entity_poly.nstd_linkage                   no 
_entity_poly.nstd_monomer                   no 
_entity_poly.pdbx_seq_one_letter_code       '(DC)(DG)(DC)(DG)(DA)(DA)(DT)(DT)(DC)(DG)(DC)(DG)' 
_entity_poly.pdbx_seq_one_letter_code_can   CGCGAATTCGCG 
_entity_poly.pdbx_strand_id                 A,B 
_entity_poly.pdbx_target_identifier         ? 
# 
loop_
_entity_poly_seq.entity_id 
_entity_poly_seq.num 
_entity_poly_seq.mon_id 
_entity_poly_seq.hetero 
1 1  DC n 
1 2  DG n 
1 3  DC n 
1 4  DG n 
1 5  DA n 
1 6  DA n 
1 7  DT n 
1 8  DT n 
1 9  DC n 
1 10 DG n 
1 11 DC n 
1 12 DG n 
# 
_pdbx_entity_src_syn.entity_id              1 
_pdbx_entity_src_syn.pdbx_src_id            1 
_pdbx_entity_src_syn.pdbx_alt_source_flag   sample 
_pdbx_entity_src_syn.pdbx_beg_seq_num       ? 
_pdbx_entity_src_syn.pdbx_end_seq_num       ? 
_pdbx_entity_src_syn.organism_scientific    ? 
_pdbx_entity_src_syn.organism_common_name   ? 
_pdbx_entity_src_syn.ncbi_taxonomy_id       ? 
_pdbx_entity_src_syn.details                'AT-RICH REGION IN THE GENOME OF ORGANISMS.' 
# 
_struct_ref.id                         1 
_struct_ref.entity_id                  1 
_struct_ref.db_name                    PDB 
_struct_ref.db_code                    2B3E 
_struct_ref.pdbx_db_accession          2B3E 
_struct_ref.pdbx_db_isoform            ? 
_struct_ref.pdbx_seq_one_letter_code   ? 
_struct_ref.pdbx_align_begin           ? 
# 
loop_
_struct_ref_seq.align_id 
_struct_ref_seq.ref_id 
_struct_ref_seq.pdbx_PDB_id_code 
_struct_ref_seq.pdbx_strand_id 
_struct_ref_seq.seq_align_beg 
_struct_ref_seq.pdbx_seq_align_beg_ins_code 
_struct_ref_seq.seq_align_end 
_struct_ref_seq.pdbx_seq_align_end_ins_code 
_struct_ref_seq.pdbx_db_accession 
_struct_ref_seq.db_align_beg 
_struct_ref_seq.pdbx_db_align_beg_ins_code 
_struct_ref_seq.db_align_end 
_struct_ref_seq.pdbx_db_align_end_ins_code 
_struct_ref_seq.pdbx_auth_seq_align_beg 
_struct_ref_seq.pdbx_auth_seq_align_end 
1 1 2B3E A 1 ? 12 ? 2B3E 1  ? 12 ? 1  12 
2 1 2B3E B 1 ? 12 ? 2B3E 13 ? 24 ? 13 24 
# 
loop_
_chem_comp.id 
_chem_comp.type 
_chem_comp.mon_nstd_flag 
_chem_comp.name 
_chem_comp.pdbx_synonyms 
_chem_comp.formula 
_chem_comp.formula_weight 
DA  'DNA linking' y "2'-DEOXYADENOSINE-5'-MONOPHOSPHATE"                                                                         ? 
'C10 H14 N5 O6 P' 331.222 
DBN non-polymer   . '6-(4,5-DIHYDRO-1H-IMIDAZOL-2-YL)-2-{5-[4-(4,5-DIHYDRO-1H-IMIDAZOL-2-YL)PHENYL]THIEN-2-YL}-1H-BENZIMIDAZOLE' 
DB819 'C23 H20 N6 S'    412.510 
DC  'DNA linking' y "2'-DEOXYCYTIDINE-5'-MONOPHOSPHATE"                                                                          ? 
'C9 H14 N3 O7 P'  307.197 
DG  'DNA linking' y "2'-DEOXYGUANOSINE-5'-MONOPHOSPHATE"                                                                         ? 
'C10 H14 N5 O7 P' 347.221 
DT  'DNA linking' y "THYMIDINE-5'-MONOPHOSPHATE"                                                                                 ? 
'C10 H15 N2 O8 P' 322.208 
HOH non-polymer   . WATER                                                                                                        ? 
'H2 O'            18.015  
MG  non-polymer   . 'MAGNESIUM ION'                                                                                              ? 
'Mg 2'            24.305  
# 
_exptl.entry_id          2B3E 
_exptl.method            'X-RAY DIFFRACTION' 
_exptl.crystals_number   1 
# 
_exptl_crystal.id                    1 
_exptl_crystal.density_meas          ? 
_exptl_crystal.density_Matthews      2.65 
_exptl_crystal.density_percent_sol   53.64 
_exptl_crystal.description           ? 
_exptl_crystal.F_000                 ? 
_exptl_crystal.preparation           ? 
# 
_exptl_crystal_grow.crystal_id      1 
_exptl_crystal_grow.method          ? 
_exptl_crystal_grow.temp            293 
_exptl_crystal_grow.temp_details    ? 
_exptl_crystal_grow.pH              7.00 
_exptl_crystal_grow.pdbx_details    
'MAGNESIUM CHLORIDE, DNA, COMPOUND DB819, MPD, SODIUM CACODYLATE BUFFER, VAPOR DIFFUSION, SITTING DROP, temperature 293K, pH 7.00' 
_exptl_crystal_grow.pdbx_pH_range   . 
# 
loop_
_exptl_crystal_grow_comp.crystal_id 
_exptl_crystal_grow_comp.id 
_exptl_crystal_grow_comp.sol_id 
_exptl_crystal_grow_comp.name 
_exptl_crystal_grow_comp.volume 
_exptl_crystal_grow_comp.conc 
_exptl_crystal_grow_comp.details 
1 1 1 'MAGNESIUM CHLORIDE' ? ? ? 
1 2 1 MPD                  ? ? ? 
1 3 1 'SODIUM CACODYLATE'  ? ? ? 
1 4 1 H2O                  ? ? ? 
1 5 2 'MAGNESIUM CHLORIDE' ? ? ? 
1 6 2 MPD                  ? ? ? 
1 7 2 'SODIUM CACODYLATE'  ? ? ? 
1 8 2 H2O                  ? ? ? 
# 
_diffrn.id                     1 
_diffrn.ambient_temp           105.0 
_diffrn.ambient_temp_details   ? 
_diffrn.crystal_id             1 
# 
_diffrn_detector.diffrn_id              1 
_diffrn_detector.detector               'IMAGE PLATE' 
_diffrn_detector.type                   'RIGAKU RAXIS IV' 
_diffrn_detector.pdbx_collection_date   2005-05-23 
_diffrn_detector.details                'OSMIC FOCUSING MIRROR SYSTEM' 
# 
_diffrn_radiation.diffrn_id                        1 
_diffrn_radiation.wavelength_id                    1 
_diffrn_radiation.pdbx_monochromatic_or_laue_m_l   M 
_diffrn_radiation.monochromator                    'NI FILTER' 
_diffrn_radiation.pdbx_diffrn_protocol             'SINGLE WAVELENGTH' 
_diffrn_radiation.pdbx_scattering_type             x-ray 
# 
_diffrn_radiation_wavelength.id           1 
_diffrn_radiation_wavelength.wavelength   1.54178 
_diffrn_radiation_wavelength.wt           1.0 
# 
_diffrn_source.diffrn_id                   1 
_diffrn_source.source                      'ROTATING ANODE' 
_diffrn_source.type                        'RIGAKU RU200' 
_diffrn_source.pdbx_synchrotron_site       ? 
_diffrn_source.pdbx_synchrotron_beamline   ? 
_diffrn_source.pdbx_wavelength             1.54178 
_diffrn_source.pdbx_wavelength_list        ? 
# 
_reflns.entry_id                     2B3E 
_reflns.observed_criterion_sigma_I   -2.000 
_reflns.observed_criterion_sigma_F   ? 
_reflns.d_resolution_low             25.000 
_reflns.d_resolution_high            1.360 
_reflns.number_obs                   13180 
_reflns.number_all                   ? 
_reflns.percent_possible_obs         92.2 
_reflns.pdbx_Rmerge_I_obs            0.037 
_reflns.pdbx_Rsym_value              ? 
_reflns.pdbx_netI_over_sigmaI        56.8200 
_reflns.B_iso_Wilson_estimate        ? 
_reflns.pdbx_redundancy              4.380 
_reflns.R_free_details               ? 
_reflns.pdbx_chi_squared             ? 
_reflns.pdbx_scaling_rejects         ? 
_reflns.pdbx_diffrn_id               1 
_reflns.pdbx_ordinal                 1 
# 
_reflns_shell.d_res_high             1.36 
_reflns_shell.d_res_low              1.41 
_reflns_shell.percent_possible_all   60.7 
_reflns_shell.Rmerge_I_obs           0.285 
_reflns_shell.pdbx_Rsym_value        ? 
_reflns_shell.meanI_over_sigI_obs    3.030 
_reflns_shell.pdbx_redundancy        ? 
_reflns_shell.percent_possible_obs   ? 
_reflns_shell.number_unique_all      ? 
_reflns_shell.number_measured_all    ? 
_reflns_shell.number_measured_obs    ? 
_reflns_shell.number_unique_obs      ? 
_reflns_shell.pdbx_chi_squared       ? 
_reflns_shell.pdbx_diffrn_id         ? 
_reflns_shell.pdbx_ordinal           1 
# 
_refine.entry_id                                 2B3E 
_refine.ls_number_reflns_obs                     13073 
_refine.ls_number_reflns_all                     13073 
_refine.pdbx_ls_sigma_I                          ? 
_refine.pdbx_ls_sigma_F                          2.000 
_refine.pdbx_data_cutoff_high_absF               ? 
_refine.pdbx_data_cutoff_low_absF                ? 
_refine.pdbx_data_cutoff_high_rms_absF           ? 
_refine.ls_d_res_low                             8.00 
_refine.ls_d_res_high                            1.36 
_refine.ls_percent_reflns_obs                    83.0 
_refine.ls_R_factor_obs                          0.208 
_refine.ls_R_factor_all                          0.21 
_refine.ls_R_factor_R_work                       ? 
_refine.ls_R_factor_R_free                       0.254 
_refine.ls_R_factor_R_free_error                 ? 
_refine.ls_R_factor_R_free_error_details         ? 
_refine.ls_percent_reflns_R_free                 10.005 
_refine.ls_number_reflns_R_free                  1308 
_refine.ls_number_parameters                     2511 
_refine.ls_number_restraints                     2558 
_refine.occupancy_min                            ? 
_refine.occupancy_max                            ? 
_refine.correlation_coeff_Fo_to_Fc               ? 
_refine.correlation_coeff_Fo_to_Fc_free          ? 
_refine.B_iso_mean                               ? 
_refine.aniso_B[1][1]                            ? 
_refine.aniso_B[2][2]                            ? 
_refine.aniso_B[3][3]                            ? 
_refine.aniso_B[1][2]                            ? 
_refine.aniso_B[1][3]                            ? 
_refine.aniso_B[2][3]                            ? 
_refine.solvent_model_details                    'MOEWS & KRETSINGER, J.MOL.BIOL.91(1973)201-228' 
_refine.solvent_model_param_ksol                 ? 
_refine.solvent_model_param_bsol                 ? 
_refine.pdbx_solvent_vdw_probe_radii             ? 
_refine.pdbx_solvent_ion_probe_radii             ? 
_refine.pdbx_solvent_shrinkage_radii             ? 
_refine.pdbx_ls_cross_valid_method               THROUGHOUT 
_refine.details                                  
;USED WEIGHTED FULL MATRIX LEAST SQUARES PROCEDURE. ANISOTROPIC SCALING APPLIED BY THE METHOD OF PARKIN, MOEZZI & HOPE, J.APPL.CRYST.28(1995)53-56
;
_refine.pdbx_starting_model                      'DNA PART OF NDB ENTRY GDL009 OR PDB ENTRY 2DBE' 
_refine.pdbx_method_to_determine_struct          'MOLECULAR REPLACEMENT' 
_refine.pdbx_isotropic_thermal_model             ? 
_refine.pdbx_stereochemistry_target_values       'Engh & Huber' 
_refine.pdbx_stereochem_target_val_spec_case     ? 
_refine.pdbx_R_Free_selection_details            RANDOM 
_refine.pdbx_overall_ESU_R                       ? 
_refine.pdbx_overall_ESU_R_Free                  ? 
_refine.overall_SU_ML                            ? 
_refine.overall_SU_B                             ? 
_refine.ls_redundancy_reflns_obs                 ? 
_refine.overall_SU_R_Cruickshank_DPI             ? 
_refine.overall_SU_R_free                        ? 
_refine.ls_wR_factor_R_free                      ? 
_refine.ls_wR_factor_R_work                      ? 
_refine.overall_FOM_free_R_set                   ? 
_refine.overall_FOM_work_R_set                   ? 
_refine.pdbx_refine_id                           'X-RAY DIFFRACTION' 
_refine.pdbx_diffrn_id                           1 
_refine.pdbx_TLS_residual_ADP_flag               ? 
_refine.pdbx_overall_phase_error                 ? 
_refine.pdbx_overall_SU_R_free_Cruickshank_DPI   ? 
_refine.pdbx_overall_SU_R_Blow_DPI               ? 
_refine.pdbx_overall_SU_R_free_Blow_DPI          ? 
# 
_refine_analyze.entry_id                        2B3E 
_refine_analyze.Luzzati_coordinate_error_obs    ? 
_refine_analyze.Luzzati_sigma_a_obs             ? 
_refine_analyze.Luzzati_d_res_low_obs           ? 
_refine_analyze.Luzzati_coordinate_error_free   ? 
_refine_analyze.Luzzati_sigma_a_free            ? 
_refine_analyze.Luzzati_d_res_low_free          ? 
_refine_analyze.number_disordered_residues      0 
_refine_analyze.occupancy_sum_hydrogen          0.00 
_refine_analyze.occupancy_sum_non_hydrogen      624.00 
_refine_analyze.pdbx_refine_id                  'X-RAY DIFFRACTION' 
# 
_refine_hist.pdbx_refine_id                   'X-RAY DIFFRACTION' 
_refine_hist.cycle_id                         LAST 
_refine_hist.pdbx_number_atoms_protein        0 
_refine_hist.pdbx_number_atoms_nucleic_acid   486 
_refine_hist.pdbx_number_atoms_ligand         37 
_refine_hist.number_atoms_solvent             101 
_refine_hist.number_atoms_total               624 
_refine_hist.d_res_high                       1.36 
_refine_hist.d_res_low                        8.00 
# 
loop_
_refine_ls_restr.type 
_refine_ls_restr.dev_ideal 
_refine_ls_restr.dev_ideal_target 
_refine_ls_restr.weight 
_refine_ls_restr.number 
_refine_ls_restr.pdbx_refine_id 
_refine_ls_restr.pdbx_restraint_function 
s_bond_d               0.011 ? ? ? 'X-RAY DIFFRACTION' ? 
s_angle_d              0.032 ? ? ? 'X-RAY DIFFRACTION' ? 
s_similar_dist         0.000 ? ? ? 'X-RAY DIFFRACTION' ? 
s_from_restr_planes    0.036 ? ? ? 'X-RAY DIFFRACTION' ? 
s_zero_chiral_vol      0.000 ? ? ? 'X-RAY DIFFRACTION' ? 
s_non_zero_chiral_vol  0.009 ? ? ? 'X-RAY DIFFRACTION' ? 
s_anti_bump_dis_restr  0.009 ? ? ? 'X-RAY DIFFRACTION' ? 
s_rigid_bond_adp_cmpnt 0.000 ? ? ? 'X-RAY DIFFRACTION' ? 
s_similar_adp_cmpnt    0.046 ? ? ? 'X-RAY DIFFRACTION' ? 
s_approx_iso_adps      0.000 ? ? ? 'X-RAY DIFFRACTION' ? 
# 
_pdbx_refine.entry_id                                    2B3E 
_pdbx_refine.R_factor_all_no_cutoff                      0.21 
_pdbx_refine.R_factor_obs_no_cutoff                      0.208 
_pdbx_refine.free_R_factor_no_cutoff                     0.254 
_pdbx_refine.free_R_val_test_set_size_perc_no_cutoff     10.005 
_pdbx_refine.free_R_val_test_set_ct_no_cutoff            1308 
_pdbx_refine.R_factor_all_4sig_cutoff                    0.199 
_pdbx_refine.R_factor_obs_4sig_cutoff                    0.196 
_pdbx_refine.free_R_factor_4sig_cutoff                   0.244 
_pdbx_refine.free_R_val_test_set_size_perc_4sig_cutoff   10.048 
_pdbx_refine.free_R_val_test_set_ct_4sig_cutoff          1147 
_pdbx_refine.number_reflns_obs_4sig_cutoff               11415 
_pdbx_refine.pdbx_refine_id                              'X-RAY DIFFRACTION' 
_pdbx_refine.free_R_error_no_cutoff                      ? 
# 
_struct.entry_id                  2B3E 
_struct.title                     'Crystal structure of DB819-D(CGCGAATTCGCG)2 complex.' 
_struct.pdbx_model_details        ? 
_struct.pdbx_CASP_flag            ? 
_struct.pdbx_model_type_details   ? 
# 
_struct_keywords.entry_id        2B3E 
_struct_keywords.pdbx_keywords   DNA 
_struct_keywords.text            
;NUCLEIC ACIDS, DNA, DOUBLE HELIX, MINOR GROOVE, DNA MINOR, GROOVE BINDER, DNA MINOR GROOVE-LIGAND COMPLEX, DB819, A2T2, DICKERSON AND DREW DODECAMER, CRYSTAL STRUCTURE OF B-DNA, DNA-DRUG COMPLEX, MAGNESIUM-WATER COMPLEX, HYDRATED MAGNESIUM, DNA HYDRATION.
;
# 
loop_
_struct_asym.id 
_struct_asym.pdbx_blank_PDB_chainid_flag 
_struct_asym.pdbx_modified 
_struct_asym.entity_id 
_struct_asym.details 
A N N 1 ? 
B N N 1 ? 
C N N 2 ? 
D N N 3 ? 
E N N 4 ? 
F N N 4 ? 
# 
_struct_biol.id                    1 
_struct_biol.pdbx_parent_biol_id   ? 
_struct_biol.details               ? 
# 
loop_
_struct_conn.id 
_struct_conn.conn_type_id 
_struct_conn.pdbx_leaving_atom_flag 
_struct_conn.pdbx_PDB_id 
_struct_conn.ptnr1_label_asym_id 
_struct_conn.ptnr1_label_comp_id 
_struct_conn.ptnr1_label_seq_id 
_struct_conn.ptnr1_label_atom_id 
_struct_conn.pdbx_ptnr1_label_alt_id 
_struct_conn.pdbx_ptnr1_PDB_ins_code 
_struct_conn.pdbx_ptnr1_standard_comp_id 
_struct_conn.ptnr1_symmetry 
_struct_conn.ptnr2_label_asym_id 
_struct_conn.ptnr2_label_comp_id 
_struct_conn.ptnr2_label_seq_id 
_struct_conn.ptnr2_label_atom_id 
_struct_conn.pdbx_ptnr2_label_alt_id 
_struct_conn.pdbx_ptnr2_PDB_ins_code 
_struct_conn.ptnr1_auth_asym_id 
_struct_conn.ptnr1_auth_comp_id 
_struct_conn.ptnr1_auth_seq_id 
_struct_conn.ptnr2_auth_asym_id 
_struct_conn.ptnr2_auth_comp_id 
_struct_conn.ptnr2_auth_seq_id 
_struct_conn.ptnr2_symmetry 
_struct_conn.pdbx_ptnr3_label_atom_id 
_struct_conn.pdbx_ptnr3_label_seq_id 
_struct_conn.pdbx_ptnr3_label_comp_id 
_struct_conn.pdbx_ptnr3_label_asym_id 
_struct_conn.pdbx_ptnr3_label_alt_id 
_struct_conn.pdbx_ptnr3_PDB_ins_code 
_struct_conn.details 
_struct_conn.pdbx_dist_value 
_struct_conn.pdbx_value_order 
_struct_conn.pdbx_role 
metalc1  metalc ? ? C MG .  MG ? ? ? 1_555 E HOH .  O  ? ? A MG 26 A HOH 129 1_555 ? ? ? ? ? ? ?            2.126 ? ? 
metalc2  metalc ? ? C MG .  MG ? ? ? 1_555 E HOH .  O  ? ? A MG 26 A HOH 130 1_555 ? ? ? ? ? ? ?            2.110 ? ? 
metalc3  metalc ? ? C MG .  MG ? ? ? 1_555 E HOH .  O  ? ? A MG 26 A HOH 132 1_555 ? ? ? ? ? ? ?            2.120 ? ? 
metalc4  metalc ? ? C MG .  MG ? ? ? 1_555 E HOH .  O  ? ? A MG 26 A HOH 133 1_555 ? ? ? ? ? ? ?            2.130 ? ? 
metalc5  metalc ? ? C MG .  MG ? ? ? 1_555 F HOH .  O  ? ? A MG 26 B HOH 128 1_555 ? ? ? ? ? ? ?            2.106 ? ? 
metalc6  metalc ? ? C MG .  MG ? ? ? 1_555 F HOH .  O  ? ? A MG 26 B HOH 131 1_555 ? ? ? ? ? ? ?            2.110 ? ? 
hydrog1  hydrog ? ? A DC 1  N3 ? ? ? 1_555 B DG  12 N1 ? ? A DC 1  B DG  24  1_555 ? ? ? ? ? ? WATSON-CRICK ?     ? ? 
hydrog2  hydrog ? ? A DC 1  N4 ? ? ? 1_555 B DG  12 O6 ? ? A DC 1  B DG  24  1_555 ? ? ? ? ? ? WATSON-CRICK ?     ? ? 
hydrog3  hydrog ? ? A DC 1  O2 ? ? ? 1_555 B DG  12 N2 ? ? A DC 1  B DG  24  1_555 ? ? ? ? ? ? WATSON-CRICK ?     ? ? 
hydrog4  hydrog ? ? A DG 2  N1 ? ? ? 1_555 B DC  11 N3 ? ? A DG 2  B DC  23  1_555 ? ? ? ? ? ? WATSON-CRICK ?     ? ? 
hydrog5  hydrog ? ? A DG 2  N2 ? ? ? 1_555 B DC  11 O2 ? ? A DG 2  B DC  23  1_555 ? ? ? ? ? ? WATSON-CRICK ?     ? ? 
hydrog6  hydrog ? ? A DG 2  O6 ? ? ? 1_555 B DC  11 N4 ? ? A DG 2  B DC  23  1_555 ? ? ? ? ? ? WATSON-CRICK ?     ? ? 
hydrog7  hydrog ? ? A DC 3  N3 ? ? ? 1_555 B DG  10 N1 ? ? A DC 3  B DG  22  1_555 ? ? ? ? ? ? WATSON-CRICK ?     ? ? 
hydrog8  hydrog ? ? A DC 3  N4 ? ? ? 1_555 B DG  10 O6 ? ? A DC 3  B DG  22  1_555 ? ? ? ? ? ? WATSON-CRICK ?     ? ? 
hydrog9  hydrog ? ? A DC 3  O2 ? ? ? 1_555 B DG  10 N2 ? ? A DC 3  B DG  22  1_555 ? ? ? ? ? ? WATSON-CRICK ?     ? ? 
hydrog10 hydrog ? ? A DG 4  N1 ? ? ? 1_555 B DC  9  N3 ? ? A DG 4  B DC  21  1_555 ? ? ? ? ? ? WATSON-CRICK ?     ? ? 
hydrog11 hydrog ? ? A DG 4  N2 ? ? ? 1_555 B DC  9  O2 ? ? A DG 4  B DC  21  1_555 ? ? ? ? ? ? WATSON-CRICK ?     ? ? 
hydrog12 hydrog ? ? A DG 4  O6 ? ? ? 1_555 B DC  9  N4 ? ? A DG 4  B DC  21  1_555 ? ? ? ? ? ? WATSON-CRICK ?     ? ? 
hydrog13 hydrog ? ? A DA 5  N1 ? ? ? 1_555 B DT  8  N3 ? ? A DA 5  B DT  20  1_555 ? ? ? ? ? ? WATSON-CRICK ?     ? ? 
hydrog14 hydrog ? ? A DA 5  N6 ? ? ? 1_555 B DT  8  O4 ? ? A DA 5  B DT  20  1_555 ? ? ? ? ? ? WATSON-CRICK ?     ? ? 
hydrog15 hydrog ? ? A DA 6  N1 ? ? ? 1_555 B DT  7  N3 ? ? A DA 6  B DT  19  1_555 ? ? ? ? ? ? WATSON-CRICK ?     ? ? 
hydrog16 hydrog ? ? A DA 6  N6 ? ? ? 1_555 B DT  7  O4 ? ? A DA 6  B DT  19  1_555 ? ? ? ? ? ? WATSON-CRICK ?     ? ? 
hydrog17 hydrog ? ? A DT 7  N3 ? ? ? 1_555 B DA  6  N1 ? ? A DT 7  B DA  18  1_555 ? ? ? ? ? ? WATSON-CRICK ?     ? ? 
hydrog18 hydrog ? ? A DT 7  O4 ? ? ? 1_555 B DA  6  N6 ? ? A DT 7  B DA  18  1_555 ? ? ? ? ? ? WATSON-CRICK ?     ? ? 
hydrog19 hydrog ? ? A DT 8  N3 ? ? ? 1_555 B DA  5  N1 ? ? A DT 8  B DA  17  1_555 ? ? ? ? ? ? WATSON-CRICK ?     ? ? 
hydrog20 hydrog ? ? A DT 8  O4 ? ? ? 1_555 B DA  5  N6 ? ? A DT 8  B DA  17  1_555 ? ? ? ? ? ? WATSON-CRICK ?     ? ? 
hydrog21 hydrog ? ? A DC 9  N3 ? ? ? 1_555 B DG  4  N1 ? ? A DC 9  B DG  16  1_555 ? ? ? ? ? ? WATSON-CRICK ?     ? ? 
hydrog22 hydrog ? ? A DC 9  N4 ? ? ? 1_555 B DG  4  O6 ? ? A DC 9  B DG  16  1_555 ? ? ? ? ? ? WATSON-CRICK ?     ? ? 
hydrog23 hydrog ? ? A DC 9  O2 ? ? ? 1_555 B DG  4  N2 ? ? A DC 9  B DG  16  1_555 ? ? ? ? ? ? WATSON-CRICK ?     ? ? 
hydrog24 hydrog ? ? A DG 10 N1 ? ? ? 1_555 B DC  3  N3 ? ? A DG 10 B DC  15  1_555 ? ? ? ? ? ? WATSON-CRICK ?     ? ? 
hydrog25 hydrog ? ? A DG 10 N2 ? ? ? 1_555 B DC  3  O2 ? ? A DG 10 B DC  15  1_555 ? ? ? ? ? ? WATSON-CRICK ?     ? ? 
hydrog26 hydrog ? ? A DG 10 O6 ? ? ? 1_555 B DC  3  N4 ? ? A DG 10 B DC  15  1_555 ? ? ? ? ? ? WATSON-CRICK ?     ? ? 
hydrog27 hydrog ? ? A DC 11 N3 ? ? ? 1_555 B DG  2  N1 ? ? A DC 11 B DG  14  1_555 ? ? ? ? ? ? WATSON-CRICK ?     ? ? 
hydrog28 hydrog ? ? A DC 11 N4 ? ? ? 1_555 B DG  2  O6 ? ? A DC 11 B DG  14  1_555 ? ? ? ? ? ? WATSON-CRICK ?     ? ? 
hydrog29 hydrog ? ? A DC 11 O2 ? ? ? 1_555 B DG  2  N2 ? ? A DC 11 B DG  14  1_555 ? ? ? ? ? ? WATSON-CRICK ?     ? ? 
hydrog30 hydrog ? ? A DG 12 N1 ? ? ? 1_555 B DC  1  N3 ? ? A DG 12 B DC  13  1_555 ? ? ? ? ? ? WATSON-CRICK ?     ? ? 
hydrog31 hydrog ? ? A DG 12 N2 ? ? ? 1_555 B DC  1  O2 ? ? A DG 12 B DC  13  1_555 ? ? ? ? ? ? WATSON-CRICK ?     ? ? 
hydrog32 hydrog ? ? A DG 12 O6 ? ? ? 1_555 B DC  1  N4 ? ? A DG 12 B DC  13  1_555 ? ? ? ? ? ? WATSON-CRICK ?     ? ? 
# 
loop_
_struct_conn_type.id 
_struct_conn_type.criteria 
_struct_conn_type.reference 
metalc ? ? 
hydrog ? ? 
# 
loop_
_struct_site.id 
_struct_site.pdbx_evidence_code 
_struct_site.pdbx_auth_asym_id 
_struct_site.pdbx_auth_comp_id 
_struct_site.pdbx_auth_seq_id 
_struct_site.pdbx_auth_ins_code 
_struct_site.pdbx_num_residues 
_struct_site.details 
AC1 Software A MG  26 ? 6  'BINDING SITE FOR RESIDUE MG A 26'  
AC2 Software A DBN 25 ? 12 'BINDING SITE FOR RESIDUE DBN A 25' 
1   ?        ? ?   ?  ? ?  ?                                   
# 
loop_
_struct_site_gen.id 
_struct_site_gen.site_id 
_struct_site_gen.pdbx_num_res 
_struct_site_gen.label_comp_id 
_struct_site_gen.label_asym_id 
_struct_site_gen.label_seq_id 
_struct_site_gen.pdbx_auth_ins_code 
_struct_site_gen.auth_comp_id 
_struct_site_gen.auth_asym_id 
_struct_site_gen.auth_seq_id 
_struct_site_gen.label_atom_id 
_struct_site_gen.label_alt_id 
_struct_site_gen.symmetry 
_struct_site_gen.details 
1  AC1 6  HOH E . ? HOH A 129 . ? 1_555 ? 
2  AC1 6  HOH E . ? HOH A 130 . ? 1_555 ? 
3  AC1 6  HOH E . ? HOH A 132 . ? 1_555 ? 
4  AC1 6  HOH E . ? HOH A 133 . ? 1_555 ? 
5  AC1 6  HOH F . ? HOH B 128 . ? 1_555 ? 
6  AC1 6  HOH F . ? HOH B 131 . ? 1_555 ? 
7  AC2 12 DA  A 6 ? DA  A 6   . ? 1_555 ? 
8  AC2 12 DT  A 7 ? DT  A 7   . ? 1_555 ? 
9  AC2 12 DT  A 8 ? DT  A 8   . ? 1_555 ? 
10 AC2 12 DC  A 9 ? DC  A 9   . ? 1_555 ? 
11 AC2 12 HOH E . ? HOH A 43  . ? 1_555 ? 
12 AC2 12 HOH E . ? HOH A 80  . ? 1_555 ? 
13 AC2 12 HOH E . ? HOH A 95  . ? 1_555 ? 
14 AC2 12 DA  B 6 ? DA  B 18  . ? 1_555 ? 
15 AC2 12 DT  B 7 ? DT  B 19  . ? 1_555 ? 
16 AC2 12 DT  B 8 ? DT  B 20  . ? 1_555 ? 
17 AC2 12 DC  B 9 ? DC  B 21  . ? 1_555 ? 
18 AC2 12 HOH F . ? HOH B 79  . ? 1_555 ? 
# 
_atom_sites.entry_id                    2B3E 
_atom_sites.fract_transf_matrix[1][1]   -0.03896064 
_atom_sites.fract_transf_matrix[1][2]   -0.01110373 
_atom_sites.fract_transf_matrix[1][3]   0.00817691 
_atom_sites.fract_transf_matrix[2][1]   -0.00404142 
_atom_sites.fract_transf_matrix[2][2]   0.02217951 
_atom_sites.fract_transf_matrix[2][3]   0.01086217 
_atom_sites.fract_transf_matrix[3][1]   -0.00445573 
_atom_sites.fract_transf_matrix[3][2]   0.00575687 
_atom_sites.fract_transf_matrix[3][3]   -0.01341279 
_atom_sites.fract_transf_vector[1]      0.574234 
_atom_sites.fract_transf_vector[2]      0.519655 
_atom_sites.fract_transf_vector[3]      0.138765 
# 
loop_
_atom_type.symbol 
C  
MG 
N  
O  
P  
S  
# 
loop_
_atom_site.group_PDB 
_atom_site.id 
_atom_site.type_symbol 
_atom_site.label_atom_id 
_atom_site.label_alt_id 
_atom_site.label_comp_id 
_atom_site.label_asym_id 
_atom_site.label_entity_id 
_atom_site.label_seq_id 
_atom_site.pdbx_PDB_ins_code 
_atom_site.Cartn_x 
_atom_site.Cartn_y 
_atom_site.Cartn_z 
_atom_site.occupancy 
_atom_site.B_iso_or_equiv 
_atom_site.pdbx_formal_charge 
_atom_site.auth_seq_id 
_atom_site.auth_comp_id 
_atom_site.auth_asym_id 
_atom_site.auth_atom_id 
_atom_site.pdbx_PDB_model_num 
ATOM   1   O  "O5'" . DC  A 1 1  ? -12.075 16.138  -6.238  1.00 23.79 ? 1   DC  A "O5'" 1 
ATOM   2   C  "C5'" . DC  A 1 1  ? -11.120 15.447  -7.066  1.00 19.28 ? 1   DC  A "C5'" 1 
ATOM   3   C  "C4'" . DC  A 1 1  ? -11.742 14.115  -7.466  1.00 16.08 ? 1   DC  A "C4'" 1 
ATOM   4   O  "O4'" . DC  A 1 1  ? -11.003 13.499  -8.539  1.00 15.63 ? 1   DC  A "O4'" 1 
ATOM   5   C  "C3'" . DC  A 1 1  ? -11.755 13.066  -6.369  1.00 16.89 ? 1   DC  A "C3'" 1 
ATOM   6   O  "O3'" . DC  A 1 1  ? -12.942 12.296  -6.446  1.00 13.58 ? 1   DC  A "O3'" 1 
ATOM   7   C  "C2'" . DC  A 1 1  ? -10.516 12.264  -6.663  1.00 14.51 ? 1   DC  A "C2'" 1 
ATOM   8   C  "C1'" . DC  A 1 1  ? -10.558 12.200  -8.164  1.00 14.87 ? 1   DC  A "C1'" 1 
ATOM   9   N  N1    . DC  A 1 1  ? -9.301  12.043  -8.889  1.00 15.99 ? 1   DC  A N1    1 
ATOM   10  C  C2    . DC  A 1 1  ? -9.301  11.211  -10.009 1.00 20.22 ? 1   DC  A C2    1 
ATOM   11  O  O2    . DC  A 1 1  ? -10.376 10.659  -10.298 1.00 19.32 ? 1   DC  A O2    1 
ATOM   12  N  N3    . DC  A 1 1  ? -8.186  11.021  -10.725 1.00 18.20 ? 1   DC  A N3    1 
ATOM   13  C  C4    . DC  A 1 1  ? -7.060  11.654  -10.350 1.00 16.94 ? 1   DC  A C4    1 
ATOM   14  N  N4    . DC  A 1 1  ? -5.965  11.451  -11.075 1.00 17.10 ? 1   DC  A N4    1 
ATOM   15  C  C5    . DC  A 1 1  ? -7.046  12.509  -9.212  1.00 13.75 ? 1   DC  A C5    1 
ATOM   16  C  C6    . DC  A 1 1  ? -8.158  12.695  -8.502  1.00 16.40 ? 1   DC  A C6    1 
ATOM   17  P  P     . DG  A 1 2  ? -13.384 11.265  -5.312  1.00 20.55 ? 2   DG  A P     1 
ATOM   18  O  OP1   . DG  A 1 2  ? -14.872 11.296  -5.289  1.00 21.06 ? 2   DG  A OP1   1 
ATOM   19  O  OP2   . DG  A 1 2  ? -12.572 11.475  -4.102  1.00 17.93 ? 2   DG  A OP2   1 
ATOM   20  O  "O5'" . DG  A 1 2  ? -12.960 9.832   -5.910  1.00 16.52 ? 2   DG  A "O5'" 1 
ATOM   21  C  "C5'" . DG  A 1 2  ? -13.743 9.322   -7.002  1.00 19.65 ? 2   DG  A "C5'" 1 
ATOM   22  C  "C4'" . DG  A 1 2  ? -13.353 7.871   -7.203  1.00 14.75 ? 2   DG  A "C4'" 1 
ATOM   23  O  "O4'" . DG  A 1 2  ? -12.087 7.811   -7.884  1.00 15.66 ? 2   DG  A "O4'" 1 
ATOM   24  C  "C3'" . DG  A 1 2  ? -13.133 7.067   -5.943  1.00 16.58 ? 2   DG  A "C3'" 1 
ATOM   25  O  "O3'" . DG  A 1 2  ? -13.735 5.786   -6.122  1.00 15.79 ? 2   DG  A "O3'" 1 
ATOM   26  C  "C2'" . DG  A 1 2  ? -11.630 6.985   -5.751  1.00 12.27 ? 2   DG  A "C2'" 1 
ATOM   27  C  "C1'" . DG  A 1 2  ? -11.151 6.986   -7.179  1.00 12.96 ? 2   DG  A "C1'" 1 
ATOM   28  N  N9    . DG  A 1 2  ? -9.855  7.611   -7.500  1.00 11.11 ? 2   DG  A N9    1 
ATOM   29  C  C8    . DG  A 1 2  ? -9.194  8.602   -6.834  1.00 14.30 ? 2   DG  A C8    1 
ATOM   30  N  N7    . DG  A 1 2  ? -8.059  8.925   -7.393  1.00 12.45 ? 2   DG  A N7    1 
ATOM   31  C  C5    . DG  A 1 2  ? -7.963  8.100   -8.496  1.00 11.13 ? 2   DG  A C5    1 
ATOM   32  C  C6    . DG  A 1 2  ? -6.979  7.960   -9.499  1.00 13.04 ? 2   DG  A C6    1 
ATOM   33  O  O6    . DG  A 1 2  ? -5.922  8.631   -9.560  1.00 14.27 ? 2   DG  A O6    1 
ATOM   34  N  N1    . DG  A 1 2  ? -7.273  6.995   -10.444 1.00 11.73 ? 2   DG  A N1    1 
ATOM   35  C  C2    . DG  A 1 2  ? -8.427  6.216   -10.430 1.00 14.91 ? 2   DG  A C2    1 
ATOM   36  N  N2    . DG  A 1 2  ? -8.582  5.316   -11.413 1.00 12.21 ? 2   DG  A N2    1 
ATOM   37  N  N3    . DG  A 1 2  ? -9.350  6.341   -9.497  1.00 13.40 ? 2   DG  A N3    1 
ATOM   38  C  C4    . DG  A 1 2  ? -9.072  7.277   -8.575  1.00 14.23 ? 2   DG  A C4    1 
ATOM   39  P  P     . DC  A 1 3  ? -13.886 4.744   -4.923  1.00 18.50 ? 3   DC  A P     1 
ATOM   40  O  OP1   . DC  A 1 3  ? -15.310 4.275   -4.919  1.00 21.02 ? 3   DC  A OP1   1 
ATOM   41  O  OP2   . DC  A 1 3  ? -13.258 5.327   -3.723  1.00 17.24 ? 3   DC  A OP2   1 
ATOM   42  O  "O5'" . DC  A 1 3  ? -12.980 3.505   -5.380  1.00 16.26 ? 3   DC  A "O5'" 1 
ATOM   43  C  "C5'" . DC  A 1 3  ? -13.372 2.827   -6.588  1.00 18.82 ? 3   DC  A "C5'" 1 
ATOM   44  C  "C4'" . DC  A 1 3  ? -12.130 2.293   -7.261  1.00 16.78 ? 3   DC  A "C4'" 1 
ATOM   45  O  "O4'" . DC  A 1 3  ? -11.209 3.383   -7.499  1.00 15.56 ? 3   DC  A "O4'" 1 
ATOM   46  C  "C3'" . DC  A 1 3  ? -11.320 1.296   -6.465  1.00 19.88 ? 3   DC  A "C3'" 1 
ATOM   47  O  "O3'" . DC  A 1 3  ? -11.828 -0.023  -6.648  1.00 20.34 ? 3   DC  A "O3'" 1 
ATOM   48  C  "C2'" . DC  A 1 3  ? -9.924  1.458   -7.020  1.00 19.88 ? 3   DC  A "C2'" 1 
ATOM   49  C  "C1'" . DC  A 1 3  ? -9.899  2.809   -7.674  1.00 17.32 ? 3   DC  A "C1'" 1 
ATOM   50  N  N1    . DC  A 1 3  ? -8.967  3.801   -7.099  1.00 13.76 ? 3   DC  A N1    1 
ATOM   51  C  C2    . DC  A 1 3  ? -7.780  4.045   -7.797  1.00 11.67 ? 3   DC  A C2    1 
ATOM   52  O  O2    . DC  A 1 3  ? -7.531  3.444   -8.856  1.00 12.65 ? 3   DC  A O2    1 
ATOM   53  N  N3    . DC  A 1 3  ? -6.920  4.968   -7.264  1.00 12.43 ? 3   DC  A N3    1 
ATOM   54  C  C4    . DC  A 1 3  ? -7.216  5.590   -6.126  1.00 12.74 ? 3   DC  A C4    1 
ATOM   55  N  N4    . DC  A 1 3  ? -6.343  6.480   -5.647  1.00 14.83 ? 3   DC  A N4    1 
ATOM   56  C  C5    . DC  A 1 3  ? -8.433  5.342   -5.407  1.00 16.57 ? 3   DC  A C5    1 
ATOM   57  C  C6    . DC  A 1 3  ? -9.279  4.440   -5.931  1.00 14.10 ? 3   DC  A C6    1 
ATOM   58  P  P     . DG  A 1 4  ? -11.335 -1.291  -5.792  1.00 21.93 ? 4   DG  A P     1 
ATOM   59  O  OP1   . DG  A 1 4  ? -12.413 -2.333  -5.951  1.00 30.06 ? 4   DG  A OP1   1 
ATOM   60  O  OP2   . DG  A 1 4  ? -10.967 -0.829  -4.458  1.00 21.94 ? 4   DG  A OP2   1 
ATOM   61  O  "O5'" . DG  A 1 4  ? -10.075 -1.835  -6.598  1.00 18.50 ? 4   DG  A "O5'" 1 
ATOM   62  C  "C5'" . DG  A 1 4  ? -10.184 -2.074  -8.008  1.00 22.93 ? 4   DG  A "C5'" 1 
ATOM   63  C  "C4'" . DG  A 1 4  ? -8.820  -2.463  -8.529  1.00 23.73 ? 4   DG  A "C4'" 1 
ATOM   64  O  "O4'" . DG  A 1 4  ? -7.902  -1.374  -8.429  1.00 16.63 ? 4   DG  A "O4'" 1 
ATOM   65  C  "C3'" . DG  A 1 4  ? -8.163  -3.594  -7.735  1.00 19.95 ? 4   DG  A "C3'" 1 
ATOM   66  O  "O3'" . DG  A 1 4  ? -7.395  -4.376  -8.639  1.00 23.25 ? 4   DG  A "O3'" 1 
ATOM   67  C  "C2'" . DG  A 1 4  ? -7.385  -2.855  -6.672  1.00 16.64 ? 4   DG  A "C2'" 1 
ATOM   68  C  "C1'" . DG  A 1 4  ? -6.879  -1.656  -7.489  1.00 17.63 ? 4   DG  A "C1'" 1 
ATOM   69  N  N9    . DG  A 1 4  ? -6.636  -0.454  -6.701  1.00 15.48 ? 4   DG  A N9    1 
ATOM   70  C  C8    . DG  A 1 4  ? -7.333  -0.017  -5.613  1.00 19.24 ? 4   DG  A C8    1 
ATOM   71  N  N7    . DG  A 1 4  ? -6.888  1.095   -5.106  1.00 17.92 ? 4   DG  A N7    1 
ATOM   72  C  C5    . DG  A 1 4  ? -5.805  1.422   -5.926  1.00 10.81 ? 4   DG  A C5    1 
ATOM   73  C  C6    . DG  A 1 4  ? -4.932  2.537   -5.853  1.00 14.72 ? 4   DG  A C6    1 
ATOM   74  O  O6    . DG  A 1 4  ? -4.940  3.470   -5.040  1.00 15.93 ? 4   DG  A O6    1 
ATOM   75  N  N1    . DG  A 1 4  ? -3.986  2.475   -6.869  1.00 15.04 ? 4   DG  A N1    1 
ATOM   76  C  C2    . DG  A 1 4  ? -3.864  1.500   -7.834  1.00 11.92 ? 4   DG  A C2    1 
ATOM   77  N  N2    . DG  A 1 4  ? -2.861  1.667   -8.712  1.00 14.80 ? 4   DG  A N2    1 
ATOM   78  N  N3    . DG  A 1 4  ? -4.691  0.457   -7.893  1.00 13.98 ? 4   DG  A N3    1 
ATOM   79  C  C4    . DG  A 1 4  ? -5.621  0.493   -6.914  1.00 15.07 ? 4   DG  A C4    1 
ATOM   80  P  P     . DA  A 1 5  ? -6.619  -5.718  -8.205  1.00 25.24 ? 5   DA  A P     1 
ATOM   81  O  OP1   . DA  A 1 5  ? -6.838  -6.701  -9.286  1.00 31.17 ? 5   DA  A OP1   1 
ATOM   82  O  OP2   . DA  A 1 5  ? -6.810  -5.935  -6.766  1.00 25.34 ? 5   DA  A OP2   1 
ATOM   83  O  "O5'" . DA  A 1 5  ? -5.077  -5.191  -8.367  1.00 19.17 ? 5   DA  A "O5'" 1 
ATOM   84  C  "C5'" . DA  A 1 5  ? -4.639  -4.725  -9.656  1.00 15.04 ? 5   DA  A "C5'" 1 
ATOM   85  C  "C4'" . DA  A 1 5  ? -3.244  -4.152  -9.486  1.00 13.78 ? 5   DA  A "C4'" 1 
ATOM   86  O  "O4'" . DA  A 1 5  ? -3.224  -3.020  -8.604  1.00 16.51 ? 5   DA  A "O4'" 1 
ATOM   87  C  "C3'" . DA  A 1 5  ? -2.272  -5.166  -8.882  1.00 13.72 ? 5   DA  A "C3'" 1 
ATOM   88  O  "O3'" . DA  A 1 5  ? -1.081  -5.160  -9.654  1.00 16.47 ? 5   DA  A "O3'" 1 
ATOM   89  C  "C2'" . DA  A 1 5  ? -2.084  -4.706  -7.458  1.00 18.01 ? 5   DA  A "C2'" 1 
ATOM   90  C  "C1'" . DA  A 1 5  ? -2.213  -3.211  -7.586  1.00 13.62 ? 5   DA  A "C1'" 1 
ATOM   91  N  N9    . DA  A 1 5  ? -2.737  -2.439  -6.472  1.00 12.65 ? 5   DA  A N9    1 
ATOM   92  C  C8    . DA  A 1 5  ? -3.801  -2.791  -5.662  1.00 16.66 ? 5   DA  A C8    1 
ATOM   93  N  N7    . DA  A 1 5  ? -4.052  -1.892  -4.728  1.00 13.66 ? 5   DA  A N7    1 
ATOM   94  C  C5    . DA  A 1 5  ? -3.100  -0.888  -4.946  1.00 11.59 ? 5   DA  A C5    1 
ATOM   95  C  C6    . DA  A 1 5  ? -2.871  0.303   -4.276  1.00 10.49 ? 5   DA  A C6    1 
ATOM   96  N  N6    . DA  A 1 5  ? -3.629  0.677   -3.227  1.00 12.49 ? 5   DA  A N6    1 
ATOM   97  N  N1    . DA  A 1 5  ? -1.859  1.090   -4.705  1.00 11.81 ? 5   DA  A N1    1 
ATOM   98  C  C2    . DA  A 1 5  ? -1.159  0.632   -5.761  1.00 15.84 ? 5   DA  A C2    1 
ATOM   99  N  N3    . DA  A 1 5  ? -1.284  -0.488  -6.479  1.00 12.99 ? 5   DA  A N3    1 
ATOM   100 C  C4    . DA  A 1 5  ? -2.282  -1.226  -6.022  1.00 11.69 ? 5   DA  A C4    1 
ATOM   101 P  P     . DA  A 1 6  ? 0.309   -5.911  -9.244  1.00 14.12 ? 6   DA  A P     1 
ATOM   102 O  OP1   . DA  A 1 6  ? 1.020   -6.020  -10.564 1.00 13.55 ? 6   DA  A OP1   1 
ATOM   103 O  OP2   . DA  A 1 6  ? -0.003  -7.051  -8.374  1.00 15.20 ? 6   DA  A OP2   1 
ATOM   104 O  "O5'" . DA  A 1 6  ? 1.068   -4.842  -8.344  1.00 13.52 ? 6   DA  A "O5'" 1 
ATOM   105 C  "C5'" . DA  A 1 6  ? 1.642   -3.661  -8.931  1.00 13.12 ? 6   DA  A "C5'" 1 
ATOM   106 C  "C4'" . DA  A 1 6  ? 2.531   -2.992  -7.913  1.00 12.01 ? 6   DA  A "C4'" 1 
ATOM   107 O  "O4'" . DA  A 1 6  ? 1.680   -2.439  -6.910  1.00 14.31 ? 6   DA  A "O4'" 1 
ATOM   108 C  "C3'" . DA  A 1 6  ? 3.490   -3.919  -7.197  1.00 12.90 ? 6   DA  A "C3'" 1 
ATOM   109 O  "O3'" . DA  A 1 6  ? 4.807   -3.389  -7.344  1.00 12.71 ? 6   DA  A "O3'" 1 
ATOM   110 C  "C2'" . DA  A 1 6  ? 3.005   -3.965  -5.764  1.00 13.34 ? 6   DA  A "C2'" 1 
ATOM   111 C  "C1'" . DA  A 1 6  ? 2.251   -2.669  -5.598  1.00 12.44 ? 6   DA  A "C1'" 1 
ATOM   112 N  N9    . DA  A 1 6  ? 1.127   -2.641  -4.668  1.00 14.54 ? 6   DA  A N9    1 
ATOM   113 C  C8    . DA  A 1 6  ? 0.173   -3.624  -4.518  1.00 14.39 ? 6   DA  A C8    1 
ATOM   114 N  N7    . DA  A 1 6  ? -0.747  -3.357  -3.606  1.00 14.13 ? 6   DA  A N7    1 
ATOM   115 C  C5    . DA  A 1 6  ? -0.348  -2.107  -3.138  1.00 12.05 ? 6   DA  A C5    1 
ATOM   116 C  C6    . DA  A 1 6  ? -0.915  -1.264  -2.148  1.00 12.19 ? 6   DA  A C6    1 
ATOM   117 N  N6    . DA  A 1 6  ? -2.014  -1.581  -1.455  1.00 15.80 ? 6   DA  A N6    1 
ATOM   118 N  N1    . DA  A 1 6  ? -0.289  -0.118  -1.930  1.00 11.34 ? 6   DA  A N1    1 
ATOM   119 C  C2    . DA  A 1 6  ? 0.811   0.199   -2.620  1.00 12.89 ? 6   DA  A C2    1 
ATOM   120 N  N3    . DA  A 1 6  ? 1.439   -0.490  -3.565  1.00 11.75 ? 6   DA  A N3    1 
ATOM   121 C  C4    . DA  A 1 6  ? 0.788   -1.664  -3.775  1.00 11.95 ? 6   DA  A C4    1 
ATOM   122 P  P     . DT  A 1 7  ? 6.132   -3.937  -6.689  1.00 14.79 ? 7   DT  A P     1 
ATOM   123 O  OP1   . DT  A 1 7  ? 7.292   -3.610  -7.541  1.00 14.73 ? 7   DT  A OP1   1 
ATOM   124 O  OP2   . DT  A 1 7  ? 5.956   -5.366  -6.308  1.00 15.62 ? 7   DT  A OP2   1 
ATOM   125 O  "O5'" . DT  A 1 7  ? 6.202   -3.085  -5.349  1.00 15.35 ? 7   DT  A "O5'" 1 
ATOM   126 C  "C5'" . DT  A 1 7  ? 6.295   -1.651  -5.465  1.00 15.25 ? 7   DT  A "C5'" 1 
ATOM   127 C  "C4'" . DT  A 1 7  ? 6.202   -1.118  -4.049  1.00 14.33 ? 7   DT  A "C4'" 1 
ATOM   128 O  "O4'" . DT  A 1 7  ? 4.905   -1.431  -3.505  1.00 16.58 ? 7   DT  A "O4'" 1 
ATOM   129 C  "C3'" . DT  A 1 7  ? 7.208   -1.709  -3.064  1.00 14.93 ? 7   DT  A "C3'" 1 
ATOM   130 O  "O3'" . DT  A 1 7  ? 8.140   -0.677  -2.762  1.00 16.24 ? 7   DT  A "O3'" 1 
ATOM   131 C  "C2'" . DT  A 1 7  ? 6.378   -2.197  -1.898  1.00 14.11 ? 7   DT  A "C2'" 1 
ATOM   132 C  "C1'" . DT  A 1 7  ? 5.037   -1.499  -2.072  1.00 14.67 ? 7   DT  A "C1'" 1 
ATOM   133 N  N1    . DT  A 1 7  ? 3.844   -2.163  -1.586  1.00 12.35 ? 7   DT  A N1    1 
ATOM   134 C  C2    . DT  A 1 7  ? 3.056   -1.516  -0.644  1.00 14.33 ? 7   DT  A C2    1 
ATOM   135 O  O2    . DT  A 1 7  ? 3.330   -0.414  -0.211  1.00 14.82 ? 7   DT  A O2    1 
ATOM   136 N  N3    . DT  A 1 7  ? 1.934   -2.175  -0.205  1.00 13.69 ? 7   DT  A N3    1 
ATOM   137 C  C4    . DT  A 1 7  ? 1.531   -3.430  -0.632  1.00 13.45 ? 7   DT  A C4    1 
ATOM   138 O  O4    . DT  A 1 7  ? 0.514   -3.908  -0.169  1.00 14.56 ? 7   DT  A O4    1 
ATOM   139 C  C5    . DT  A 1 7  ? 2.377   -4.066  -1.613  1.00 15.01 ? 7   DT  A C5    1 
ATOM   140 C  C7    . DT  A 1 7  ? 2.020   -5.430  -2.133  1.00 15.55 ? 7   DT  A C7    1 
ATOM   141 C  C6    . DT  A 1 7  ? 3.467   -3.409  -2.026  1.00 13.04 ? 7   DT  A C6    1 
ATOM   142 P  P     . DT  A 1 8  ? 9.425   -0.795  -1.828  1.00 17.96 ? 8   DT  A P     1 
ATOM   143 O  OP1   . DT  A 1 8  ? 10.378  0.266   -2.282  1.00 18.05 ? 8   DT  A OP1   1 
ATOM   144 O  OP2   . DT  A 1 8  ? 9.940   -2.182  -1.829  1.00 17.89 ? 8   DT  A OP2   1 
ATOM   145 O  "O5'" . DT  A 1 8  ? 8.853   -0.453  -0.387  1.00 15.72 ? 8   DT  A "O5'" 1 
ATOM   146 C  "C5'" . DT  A 1 8  ? 8.369   0.863   -0.131  1.00 16.29 ? 8   DT  A "C5'" 1 
ATOM   147 C  "C4'" . DT  A 1 8  ? 7.743   0.973   1.233   1.00 15.95 ? 8   DT  A "C4'" 1 
ATOM   148 O  "O4'" . DT  A 1 8  ? 6.559   0.169   1.339   1.00 18.55 ? 8   DT  A "O4'" 1 
ATOM   149 C  "C3'" . DT  A 1 8  ? 8.644   0.483   2.385   1.00 21.63 ? 8   DT  A "C3'" 1 
ATOM   150 O  "O3'" . DT  A 1 8  ? 9.018   1.653   3.113   1.00 21.38 ? 8   DT  A "O3'" 1 
ATOM   151 C  "C2'" . DT  A 1 8  ? 7.821   -0.523  3.133   1.00 16.10 ? 8   DT  A "C2'" 1 
ATOM   152 C  "C1'" . DT  A 1 8  ? 6.391   -0.326  2.668   1.00 11.73 ? 8   DT  A "C1'" 1 
ATOM   153 N  N1    . DT  A 1 8  ? 5.507   -1.495  2.534   1.00 14.95 ? 8   DT  A N1    1 
ATOM   154 C  C2    . DT  A 1 8  ? 4.284   -1.516  3.153   1.00 15.78 ? 8   DT  A C2    1 
ATOM   155 O  O2    . DT  A 1 8  ? 3.867   -0.593  3.838   1.00 17.05 ? 8   DT  A O2    1 
ATOM   156 N  N3    . DT  A 1 8  ? 3.498   -2.638  2.990   1.00 17.75 ? 8   DT  A N3    1 
ATOM   157 C  C4    . DT  A 1 8  ? 3.859   -3.758  2.234   1.00 13.77 ? 8   DT  A C4    1 
ATOM   158 O  O4    . DT  A 1 8  ? 3.120   -4.726  2.124   1.00 17.71 ? 8   DT  A O4    1 
ATOM   159 C  C5    . DT  A 1 8  ? 5.141   -3.672  1.614   1.00 14.15 ? 8   DT  A C5    1 
ATOM   160 C  C7    . DT  A 1 8  ? 5.597   -4.852  0.785   1.00 17.83 ? 8   DT  A C7    1 
ATOM   161 C  C6    . DT  A 1 8  ? 5.910   -2.588  1.765   1.00 14.36 ? 8   DT  A C6    1 
ATOM   162 P  P     . DC  A 1 9  ? 9.962   1.648   4.422   1.00 20.44 ? 9   DC  A P     1 
ATOM   163 O  OP1   . DC  A 1 9  ? 10.562  3.009   4.494   1.00 21.16 ? 9   DC  A OP1   1 
ATOM   164 O  OP2   . DC  A 1 9  ? 10.781  0.422   4.374   1.00 20.36 ? 9   DC  A OP2   1 
ATOM   165 O  "O5'" . DC  A 1 9  ? 8.901   1.499   5.579   1.00 17.68 ? 9   DC  A "O5'" 1 
ATOM   166 C  "C5'" . DC  A 1 9  ? 7.745   2.353   5.632   1.00 15.46 ? 9   DC  A "C5'" 1 
ATOM   167 C  "C4'" . DC  A 1 9  ? 6.896   1.909   6.817   1.00 22.70 ? 9   DC  A "C4'" 1 
ATOM   168 O  "O4'" . DC  A 1 9  ? 6.120   0.760   6.410   1.00 24.84 ? 9   DC  A "O4'" 1 
ATOM   169 C  "C3'" . DC  A 1 9  ? 7.645   1.476   8.065   1.00 26.37 ? 9   DC  A "C3'" 1 
ATOM   170 O  "O3'" . DC  A 1 9  ? 7.356   2.362   9.144   1.00 25.48 ? 9   DC  A "O3'" 1 
ATOM   171 C  "C2'" . DC  A 1 9  ? 7.171   0.086   8.390   1.00 23.56 ? 9   DC  A "C2'" 1 
ATOM   172 C  "C1'" . DC  A 1 9  ? 5.958   -0.140  7.520   1.00 21.90 ? 9   DC  A "C1'" 1 
ATOM   173 N  N1    . DC  A 1 9  ? 5.813   -1.447  6.897   1.00 15.95 ? 9   DC  A N1    1 
ATOM   174 C  C2    . DC  A 1 9  ? 4.660   -2.217  7.045   1.00 15.05 ? 9   DC  A C2    1 
ATOM   175 O  O2    . DC  A 1 9  ? 3.706   -1.798  7.734   1.00 15.44 ? 9   DC  A O2    1 
ATOM   176 N  N3    . DC  A 1 9  ? 4.597   -3.426  6.431   1.00 16.82 ? 9   DC  A N3    1 
ATOM   177 C  C4    . DC  A 1 9  ? 5.637   -3.869  5.692   1.00 16.77 ? 9   DC  A C4    1 
ATOM   178 N  N4    . DC  A 1 9  ? 5.562   -5.059  5.092   1.00 17.98 ? 9   DC  A N4    1 
ATOM   179 C  C5    . DC  A 1 9  ? 6.816   -3.088  5.535   1.00 16.87 ? 9   DC  A C5    1 
ATOM   180 C  C6    . DC  A 1 9  ? 6.864   -1.896  6.143   1.00 15.68 ? 9   DC  A C6    1 
ATOM   181 P  P     . DG  A 1 10 ? 8.342   2.673   10.378  1.00 26.03 ? 10  DG  A P     1 
ATOM   182 O  OP1   . DG  A 1 10 ? 8.145   4.094   10.696  1.00 27.20 ? 10  DG  A OP1   1 
ATOM   183 O  OP2   . DG  A 1 10 ? 9.667   2.090   10.111  1.00 20.34 ? 10  DG  A OP2   1 
ATOM   184 O  "O5'" . DG  A 1 10 ? 7.702   1.789   11.575  1.00 23.67 ? 10  DG  A "O5'" 1 
ATOM   185 C  "C5'" . DG  A 1 10 ? 6.308   1.868   11.852  1.00 18.94 ? 10  DG  A "C5'" 1 
ATOM   186 C  "C4'" . DG  A 1 10 ? 5.849   0.648   12.618  1.00 25.03 ? 10  DG  A "C4'" 1 
ATOM   187 O  "O4'" . DG  A 1 10 ? 5.766   -0.454  11.661  1.00 23.64 ? 10  DG  A "O4'" 1 
ATOM   188 C  "C3'" . DG  A 1 10 ? 6.742   0.152   13.727  1.00 27.98 ? 10  DG  A "C3'" 1 
ATOM   189 O  "O3'" . DG  A 1 10 ? 6.004   -0.439  14.789  1.00 33.32 ? 10  DG  A "O3'" 1 
ATOM   190 C  "C2'" . DG  A 1 10 ? 7.605   -0.877  13.027  1.00 23.43 ? 10  DG  A "C2'" 1 
ATOM   191 C  "C1'" . DG  A 1 10 ? 6.515   -1.541  12.188  1.00 23.42 ? 10  DG  A "C1'" 1 
ATOM   192 N  N9    . DG  A 1 10 ? 7.001   -2.381  11.076  1.00 24.03 ? 10  DG  A N9    1 
ATOM   193 C  C8    . DG  A 1 10 ? 8.162   -2.381  10.351  1.00 19.13 ? 10  DG  A C8    1 
ATOM   194 N  N7    . DG  A 1 10 ? 8.203   -3.309  9.434   1.00 15.38 ? 10  DG  A N7    1 
ATOM   195 C  C5    . DG  A 1 10 ? 7.003   -3.958  9.560   1.00 20.53 ? 10  DG  A C5    1 
ATOM   196 C  C6    . DG  A 1 10 ? 6.465   -5.068  8.831   1.00 18.15 ? 10  DG  A C6    1 
ATOM   197 O  O6    . DG  A 1 10 ? 7.063   -5.635  7.912   1.00 22.06 ? 10  DG  A O6    1 
ATOM   198 N  N1    . DG  A 1 10 ? 5.225   -5.381  9.305   1.00 15.12 ? 10  DG  A N1    1 
ATOM   199 C  C2    . DG  A 1 10 ? 4.527   -4.781  10.319  1.00 17.65 ? 10  DG  A C2    1 
ATOM   200 N  N2    . DG  A 1 10 ? 3.311   -5.240  10.639  1.00 17.47 ? 10  DG  A N2    1 
ATOM   201 N  N3    . DG  A 1 10 ? 5.011   -3.756  10.999  1.00 22.17 ? 10  DG  A N3    1 
ATOM   202 C  C4    . DG  A 1 10 ? 6.235   -3.416  10.561  1.00 23.53 ? 10  DG  A C4    1 
ATOM   203 P  P     . DC  A 1 11 ? 5.597   0.340   16.155  1.00 32.82 ? 11  DC  A P     1 
ATOM   204 O  OP1   . DC  A 1 11 ? 5.242   1.727   15.783  1.00 38.50 ? 11  DC  A OP1   1 
ATOM   205 O  OP2   . DC  A 1 11 ? 6.615   0.001   17.158  1.00 32.52 ? 11  DC  A OP2   1 
ATOM   206 O  "O5'" . DC  A 1 11 ? 4.210   -0.413  16.504  1.00 30.96 ? 11  DC  A "O5'" 1 
ATOM   207 C  "C5'" . DC  A 1 11 ? 3.138   -0.212  15.574  1.00 28.96 ? 11  DC  A "C5'" 1 
ATOM   208 C  "C4'" . DC  A 1 11 ? 2.194   -1.364  15.402  1.00 32.40 ? 11  DC  A "C4'" 1 
ATOM   209 O  "O4'" . DC  A 1 11 ? 2.741   -2.470  14.629  1.00 25.46 ? 11  DC  A "O4'" 1 
ATOM   210 C  "C3'" . DC  A 1 11 ? 1.784   -2.061  16.709  1.00 25.65 ? 11  DC  A "C3'" 1 
ATOM   211 O  "O3'" . DC  A 1 11 ? 0.464   -2.566  16.548  1.00 23.30 ? 11  DC  A "O3'" 1 
ATOM   212 C  "C2'" . DC  A 1 11 ? 2.894   -3.073  16.875  1.00 30.40 ? 11  DC  A "C2'" 1 
ATOM   213 C  "C1'" . DC  A 1 11 ? 3.023   -3.614  15.474  1.00 26.15 ? 11  DC  A "C1'" 1 
ATOM   214 N  N1    . DC  A 1 11 ? 4.317   -4.060  14.943  1.00 27.13 ? 11  DC  A N1    1 
ATOM   215 C  C2    . DC  A 1 11 ? 4.326   -5.146  14.056  1.00 26.23 ? 11  DC  A C2    1 
ATOM   216 O  O2    . DC  A 1 11 ? 3.256   -5.700  13.748  1.00 20.38 ? 11  DC  A O2    1 
ATOM   217 N  N3    . DC  A 1 11 ? 5.503   -5.582  13.538  1.00 21.02 ? 11  DC  A N3    1 
ATOM   218 C  C4    . DC  A 1 11 ? 6.639   -4.988  13.874  1.00 22.57 ? 11  DC  A C4    1 
ATOM   219 N  N4    . DC  A 1 11 ? 7.758   -5.464  13.335  1.00 22.11 ? 11  DC  A N4    1 
ATOM   220 C  C5    . DC  A 1 11 ? 6.665   -3.883  14.770  1.00 32.37 ? 11  DC  A C5    1 
ATOM   221 C  C6    . DC  A 1 11 ? 5.490   -3.459  15.272  1.00 29.56 ? 11  DC  A C6    1 
ATOM   222 P  P     . DG  A 1 12 ? -0.458  -2.999  17.785  1.00 26.67 ? 12  DG  A P     1 
ATOM   223 O  OP1   . DG  A 1 12 ? -1.842  -3.220  17.274  1.00 29.39 ? 12  DG  A OP1   1 
ATOM   224 O  OP2   . DG  A 1 12 ? -0.152  -2.128  18.932  1.00 30.30 ? 12  DG  A OP2   1 
ATOM   225 O  "O5'" . DG  A 1 12 ? 0.066   -4.471  18.208  1.00 22.10 ? 12  DG  A "O5'" 1 
ATOM   226 C  "C5'" . DG  A 1 12 ? -0.396  -5.555  17.381  1.00 16.96 ? 12  DG  A "C5'" 1 
ATOM   227 C  "C4'" . DG  A 1 12 ? 0.393   -6.782  17.770  1.00 18.36 ? 12  DG  A "C4'" 1 
ATOM   228 O  "O4'" . DG  A 1 12 ? 1.719   -6.689  17.172  1.00 18.52 ? 12  DG  A "O4'" 1 
ATOM   229 C  "C3'" . DG  A 1 12 ? 0.656   -6.989  19.247  1.00 18.25 ? 12  DG  A "C3'" 1 
ATOM   230 O  "O3'" . DG  A 1 12 ? -0.304  -7.904  19.799  1.00 16.56 ? 12  DG  A "O3'" 1 
ATOM   231 C  "C2'" . DG  A 1 12 ? 2.055   -7.542  19.371  1.00 15.48 ? 12  DG  A "C2'" 1 
ATOM   232 C  "C1'" . DG  A 1 12 ? 2.501   -7.623  17.930  1.00 15.20 ? 12  DG  A "C1'" 1 
ATOM   233 N  N9    . DG  A 1 12 ? 3.887   -7.224  17.682  1.00 15.49 ? 12  DG  A N9    1 
ATOM   234 C  C8    . DG  A 1 12 ? 4.537   -6.177  18.302  1.00 18.17 ? 12  DG  A C8    1 
ATOM   235 N  N7    . DG  A 1 12 ? 5.768   -6.054  17.882  1.00 16.35 ? 12  DG  A N7    1 
ATOM   236 C  C5    . DG  A 1 12 ? 5.927   -7.067  16.950  1.00 18.15 ? 12  DG  A C5    1 
ATOM   237 C  C6    . DG  A 1 12 ? 7.052   -7.415  16.173  1.00 18.10 ? 12  DG  A C6    1 
ATOM   238 O  O6    . DG  A 1 12 ? 8.171   -6.883  16.153  1.00 18.87 ? 12  DG  A O6    1 
ATOM   239 N  N1    . DG  A 1 12 ? 6.813   -8.504  15.341  1.00 13.30 ? 12  DG  A N1    1 
ATOM   240 C  C2    . DG  A 1 12 ? 5.617   -9.178  15.275  1.00 12.65 ? 12  DG  A C2    1 
ATOM   241 N  N2    . DG  A 1 12 ? 5.554   -10.206 14.422  1.00 14.39 ? 12  DG  A N2    1 
ATOM   242 N  N3    . DG  A 1 12 ? 4.540   -8.865  16.001  1.00 12.51 ? 12  DG  A N3    1 
ATOM   243 C  C4    . DG  A 1 12 ? 4.769   -7.811  16.806  1.00 16.40 ? 12  DG  A C4    1 
ATOM   244 O  "O5'" . DC  B 1 1  ? 12.827  -15.219 9.838   1.00 40.16 ? 13  DC  B "O5'" 1 
ATOM   245 C  "C5'" . DC  B 1 1  ? 12.362  -14.350 10.868  1.00 25.92 ? 13  DC  B "C5'" 1 
ATOM   246 C  "C4'" . DC  B 1 1  ? 10.901  -14.042 10.675  1.00 16.72 ? 13  DC  B "C4'" 1 
ATOM   247 O  "O4'" . DC  B 1 1  ? 10.417  -13.277 11.803  1.00 18.71 ? 13  DC  B "O4'" 1 
ATOM   248 C  "C3'" . DC  B 1 1  ? 10.579  -13.186 9.468   1.00 18.30 ? 13  DC  B "C3'" 1 
ATOM   249 O  "O3'" . DC  B 1 1  ? 9.300   -13.460 8.932   1.00 25.35 ? 13  DC  B "O3'" 1 
ATOM   250 C  "C2'" . DC  B 1 1  ? 10.612  -11.789 10.036  1.00 26.17 ? 13  DC  B "C2'" 1 
ATOM   251 C  "C1'" . DC  B 1 1  ? 9.879   -12.034 11.355  1.00 17.58 ? 13  DC  B "C1'" 1 
ATOM   252 N  N1    . DC  B 1 1  ? 10.095  -11.060 12.416  1.00 13.87 ? 13  DC  B N1    1 
ATOM   253 C  C2    . DC  B 1 1  ? 9.040   -10.431 13.062  1.00 14.77 ? 13  DC  B C2    1 
ATOM   254 O  O2    . DC  B 1 1  ? 7.878   -10.719 12.715  1.00 14.92 ? 13  DC  B O2    1 
ATOM   255 N  N3    . DC  B 1 1  ? 9.271   -9.530  14.049  1.00 13.61 ? 13  DC  B N3    1 
ATOM   256 C  C4    . DC  B 1 1  ? 10.518  -9.223  14.422  1.00 14.08 ? 13  DC  B C4    1 
ATOM   257 N  N4    . DC  B 1 1  ? 10.693  -8.330  15.400  1.00 14.29 ? 13  DC  B N4    1 
ATOM   258 C  C5    . DC  B 1 1  ? 11.603  -9.865  13.770  1.00 18.40 ? 13  DC  B C5    1 
ATOM   259 C  C6    . DC  B 1 1  ? 11.371  -10.753 12.792  1.00 15.03 ? 13  DC  B C6    1 
ATOM   260 P  P     . DG  B 1 2  ? 9.037   -14.290 7.598   1.00 21.73 ? 14  DG  B P     1 
ATOM   261 O  OP1   . DG  B 1 2  ? 9.757   -15.589 7.716   1.00 24.40 ? 14  DG  B OP1   1 
ATOM   262 O  OP2   . DG  B 1 2  ? 9.299   -13.449 6.413   1.00 22.84 ? 14  DG  B OP2   1 
ATOM   263 O  "O5'" . DG  B 1 2  ? 7.471   -14.579 7.658   1.00 21.69 ? 14  DG  B "O5'" 1 
ATOM   264 C  "C5'" . DG  B 1 2  ? 7.003   -15.259 8.838   1.00 20.74 ? 14  DG  B "C5'" 1 
ATOM   265 C  "C4'" . DG  B 1 2  ? 5.621   -14.713 9.149   1.00 18.67 ? 14  DG  B "C4'" 1 
ATOM   266 O  "O4'" . DG  B 1 2  ? 5.794   -13.569 10.014  1.00 21.39 ? 14  DG  B "O4'" 1 
ATOM   267 C  "C3'" . DG  B 1 2  ? 4.833   -14.276 7.933   1.00 23.83 ? 14  DG  B "C3'" 1 
ATOM   268 O  "O3'" . DG  B 1 2  ? 3.544   -14.880 7.909   1.00 21.75 ? 14  DG  B "O3'" 1 
ATOM   269 C  "C2'" . DG  B 1 2  ? 4.688   -12.795 8.073   1.00 26.11 ? 14  DG  B "C2'" 1 
ATOM   270 C  "C1'" . DG  B 1 2  ? 4.982   -12.504 9.523   1.00 22.02 ? 14  DG  B "C1'" 1 
ATOM   271 N  N9    . DG  B 1 2  ? 5.751   -11.270 9.724   1.00 18.69 ? 14  DG  B N9    1 
ATOM   272 C  C8    . DG  B 1 2  ? 6.957   -11.041 9.116   1.00 19.98 ? 14  DG  B C8    1 
ATOM   273 N  N7    . DG  B 1 2  ? 7.470   -9.883  9.430   1.00 21.20 ? 14  DG  B N7    1 
ATOM   274 C  C5    . DG  B 1 2  ? 6.532   -9.326  10.298  1.00 13.29 ? 14  DG  B C5    1 
ATOM   275 C  C6    . DG  B 1 2  ? 6.553   -8.081  10.958  1.00 15.64 ? 14  DG  B C6    1 
ATOM   276 O  O6    . DG  B 1 2  ? 7.439   -7.186  10.905  1.00 17.07 ? 14  DG  B O6    1 
ATOM   277 N  N1    . DG  B 1 2  ? 5.422   -7.882  11.750  1.00 14.09 ? 14  DG  B N1    1 
ATOM   278 C  C2    . DG  B 1 2  ? 4.379   -8.800  11.887  1.00 12.75 ? 14  DG  B C2    1 
ATOM   279 N  N2    . DG  B 1 2  ? 3.392   -8.409  12.695  1.00 15.62 ? 14  DG  B N2    1 
ATOM   280 N  N3    . DG  B 1 2  ? 4.371   -9.966  11.262  1.00 15.67 ? 14  DG  B N3    1 
ATOM   281 C  C4    . DG  B 1 2  ? 5.461   -10.178 10.489  1.00 18.18 ? 14  DG  B C4    1 
ATOM   282 P  P     . DC  B 1 3  ? 2.477   -14.639 6.707   1.00 21.56 ? 15  DC  B P     1 
ATOM   283 O  OP1   . DC  B 1 3  ? 1.718   -15.932 6.672   1.00 18.98 ? 15  DC  B OP1   1 
ATOM   284 O  OP2   . DC  B 1 3  ? 3.229   -14.094 5.551   1.00 24.92 ? 15  DC  B OP2   1 
ATOM   285 O  "O5'" . DC  B 1 3  ? 1.540   -13.495 7.277   1.00 18.68 ? 15  DC  B "O5'" 1 
ATOM   286 C  "C5'" . DC  B 1 3  ? 0.799   -13.519 8.497   1.00 14.44 ? 15  DC  B "C5'" 1 
ATOM   287 C  "C4'" . DC  B 1 3  ? 0.324   -12.131 8.890   1.00 16.45 ? 15  DC  B "C4'" 1 
ATOM   288 O  "O4'" . DC  B 1 3  ? 1.443   -11.268 9.208   1.00 24.56 ? 15  DC  B "O4'" 1 
ATOM   289 C  "C3'" . DC  B 1 3  ? -0.423  -11.340 7.822   1.00 20.08 ? 15  DC  B "C3'" 1 
ATOM   290 O  "O3'" . DC  B 1 3  ? -1.808  -11.613 7.879   1.00 19.40 ? 15  DC  B "O3'" 1 
ATOM   291 C  "C2'" . DC  B 1 3  ? -0.177  -9.894  8.139   1.00 24.45 ? 15  DC  B "C2'" 1 
ATOM   292 C  "C1'" . DC  B 1 3  ? 1.107   -9.884  8.910   1.00 22.45 ? 15  DC  B "C1'" 1 
ATOM   293 N  N1    . DC  B 1 3  ? 2.331   -9.440  8.250   1.00 18.97 ? 15  DC  B N1    1 
ATOM   294 C  C2    . DC  B 1 3  ? 2.919   -8.232  8.675   1.00 15.82 ? 15  DC  B C2    1 
ATOM   295 O  O2    . DC  B 1 3  ? 2.335   -7.624  9.590   1.00 17.59 ? 15  DC  B O2    1 
ATOM   296 N  N3    . DC  B 1 3  ? 4.046   -7.832  8.074   1.00 20.94 ? 15  DC  B N3    1 
ATOM   297 C  C4    . DC  B 1 3  ? 4.640   -8.518  7.096   1.00 19.40 ? 15  DC  B C4    1 
ATOM   298 N  N4    . DC  B 1 3  ? 5.747   -7.985  6.605   1.00 20.71 ? 15  DC  B N4    1 
ATOM   299 C  C5    . DC  B 1 3  ? 4.067   -9.747  6.650   1.00 22.85 ? 15  DC  B C5    1 
ATOM   300 C  C6    . DC  B 1 3  ? 2.938   -10.141 7.256   1.00 24.54 ? 15  DC  B C6    1 
ATOM   301 P  P     . DG  B 1 4  ? -2.872  -11.092 6.794   1.00 23.75 ? 16  DG  B P     1 
ATOM   302 O  OP1   . DG  B 1 4  ? -4.063  -11.980 6.926   1.00 28.05 ? 16  DG  B OP1   1 
ATOM   303 O  OP2   . DG  B 1 4  ? -2.171  -10.937 5.500   1.00 25.25 ? 16  DG  B OP2   1 
ATOM   304 O  "O5'" . DG  B 1 4  ? -3.274  -9.650  7.313   1.00 22.32 ? 16  DG  B "O5'" 1 
ATOM   305 C  "C5'" . DG  B 1 4  ? -3.736  -9.482  8.660   1.00 23.63 ? 16  DG  B "C5'" 1 
ATOM   306 C  "C4'" . DG  B 1 4  ? -3.809  -8.010  8.974   1.00 26.59 ? 16  DG  B "C4'" 1 
ATOM   307 O  "O4'" . DG  B 1 4  ? -2.502  -7.407  8.770   1.00 21.19 ? 16  DG  B "O4'" 1 
ATOM   308 C  "C3'" . DG  B 1 4  ? -4.781  -7.227  8.108   1.00 23.47 ? 16  DG  B "C3'" 1 
ATOM   309 O  "O3'" . DG  B 1 4  ? -5.400  -6.210  8.884   1.00 28.04 ? 16  DG  B "O3'" 1 
ATOM   310 C  "C2'" . DG  B 1 4  ? -3.908  -6.688  7.005   1.00 18.43 ? 16  DG  B "C2'" 1 
ATOM   311 C  "C1'" . DG  B 1 4  ? -2.595  -6.456  7.722   1.00 21.94 ? 16  DG  B "C1'" 1 
ATOM   312 N  N9    . DG  B 1 4  ? -1.384  -6.684  6.916   1.00 21.82 ? 16  DG  B N9    1 
ATOM   313 C  C8    . DG  B 1 4  ? -1.175  -7.636  5.958   1.00 16.88 ? 16  DG  B C8    1 
ATOM   314 N  N7    . DG  B 1 4  ? 0.010   -7.553  5.446   1.00 18.19 ? 16  DG  B N7    1 
ATOM   315 C  C5    . DG  B 1 4  ? 0.628   -6.489  6.094   1.00 16.97 ? 16  DG  B C5    1 
ATOM   316 C  C6    . DG  B 1 4  ? 1.921   -5.938  5.944   1.00 13.25 ? 16  DG  B C6    1 
ATOM   317 O  O6    . DG  B 1 4  ? 2.807   -6.307  5.174   1.00 19.25 ? 16  DG  B O6    1 
ATOM   318 N  N1    . DG  B 1 4  ? 2.126   -4.864  6.804   1.00 14.37 ? 16  DG  B N1    1 
ATOM   319 C  C2    . DG  B 1 4  ? 1.181   -4.400  7.688   1.00 17.83 ? 16  DG  B C2    1 
ATOM   320 N  N2    . DG  B 1 4  ? 1.539   -3.349  8.453   1.00 15.45 ? 16  DG  B N2    1 
ATOM   321 N  N3    . DG  B 1 4  ? -0.033  -4.895  7.851   1.00 15.10 ? 16  DG  B N3    1 
ATOM   322 C  C4    . DG  B 1 4  ? -0.236  -5.937  7.017   1.00 16.15 ? 16  DG  B C4    1 
ATOM   323 P  P     . DA  B 1 5  ? -6.225  -4.989  8.298   1.00 27.42 ? 17  DA  B P     1 
ATOM   324 O  OP1   . DA  B 1 5  ? -7.320  -4.682  9.243   1.00 35.32 ? 17  DA  B OP1   1 
ATOM   325 O  OP2   . DA  B 1 5  ? -6.502  -5.197  6.856   1.00 30.32 ? 17  DA  B OP2   1 
ATOM   326 O  "O5'" . DA  B 1 5  ? -5.177  -3.766  8.366   1.00 25.33 ? 17  DA  B "O5'" 1 
ATOM   327 C  "C5'" . DA  B 1 5  ? -4.494  -3.506  9.600   1.00 23.04 ? 17  DA  B "C5'" 1 
ATOM   328 C  "C4'" . DA  B 1 5  ? -3.833  -2.147  9.519   1.00 27.49 ? 17  DA  B "C4'" 1 
ATOM   329 O  "O4'" . DA  B 1 5  ? -2.618  -2.284  8.728   1.00 23.47 ? 17  DA  B "O4'" 1 
ATOM   330 C  "C3'" . DA  B 1 5  ? -4.612  -1.027  8.849   1.00 25.80 ? 17  DA  B "C3'" 1 
ATOM   331 O  "O3'" . DA  B 1 5  ? -4.294  0.225   9.445   1.00 23.69 ? 17  DA  B "O3'" 1 
ATOM   332 C  "C2'" . DA  B 1 5  ? -4.183  -1.087  7.406   1.00 19.42 ? 17  DA  B "C2'" 1 
ATOM   333 C  "C1'" . DA  B 1 5  ? -2.731  -1.530  7.538   1.00 16.97 ? 17  DA  B "C1'" 1 
ATOM   334 N  N9    . DA  B 1 5  ? -2.256  -2.419  6.460   1.00 20.77 ? 17  DA  B N9    1 
ATOM   335 C  C8    . DA  B 1 5  ? -2.973  -3.414  5.833   1.00 17.29 ? 17  DA  B C8    1 
ATOM   336 N  N7    . DA  B 1 5  ? -2.265  -4.031  4.910   1.00 19.13 ? 17  DA  B N7    1 
ATOM   337 C  C5    . DA  B 1 5  ? -1.035  -3.395  4.950   1.00 15.19 ? 17  DA  B C5    1 
ATOM   338 C  C6    . DA  B 1 5  ? 0.163   -3.558  4.240   1.00 12.81 ? 17  DA  B C6    1 
ATOM   339 N  N6    . DA  B 1 5  ? 0.368   -4.468  3.267   1.00 15.40 ? 17  DA  B N6    1 
ATOM   340 N  N1    . DA  B 1 5  ? 1.178   -2.749  4.546   1.00 13.38 ? 17  DA  B N1    1 
ATOM   341 C  C2    . DA  B 1 5  ? 1.102   -1.801  5.499   1.00 15.31 ? 17  DA  B C2    1 
ATOM   342 N  N3    . DA  B 1 5  ? 0.021   -1.562  6.231   1.00 16.27 ? 17  DA  B N3    1 
ATOM   343 C  C4    . DA  B 1 5  ? -1.002  -2.390  5.907   1.00 16.33 ? 17  DA  B C4    1 
ATOM   344 P  P     . DA  B 1 6  ? -4.808  1.645   8.908   1.00 26.93 ? 18  DA  B P     1 
ATOM   345 O  OP1   . DA  B 1 6  ? -4.903  2.537   10.104  1.00 43.92 ? 18  DA  B OP1   1 
ATOM   346 O  OP2   . DA  B 1 6  ? -5.975  1.476   8.028   1.00 28.68 ? 18  DA  B OP2   1 
ATOM   347 O  "O5'" . DA  B 1 6  ? -3.589  2.202   8.026   1.00 21.09 ? 18  DA  B "O5'" 1 
ATOM   348 C  "C5'" . DA  B 1 6  ? -2.349  2.432   8.699   1.00 17.65 ? 18  DA  B "C5'" 1 
ATOM   349 C  "C4'" . DA  B 1 6  ? -1.305  2.889   7.712   1.00 23.52 ? 18  DA  B "C4'" 1 
ATOM   350 O  "O4'" . DA  B 1 6  ? -1.000  1.866   6.746   1.00 21.68 ? 18  DA  B "O4'" 1 
ATOM   351 C  "C3'" . DA  B 1 6  ? -1.756  4.102   6.904   1.00 20.04 ? 18  DA  B "C3'" 1 
ATOM   352 O  "O3'" . DA  B 1 6  ? -0.738  5.092   7.026   1.00 24.51 ? 18  DA  B "O3'" 1 
ATOM   353 C  "C2'" . DA  B 1 6  ? -1.948  3.602   5.505   1.00 20.39 ? 18  DA  B "C2'" 1 
ATOM   354 C  "C1'" . DA  B 1 6  ? -1.023  2.415   5.409   1.00 22.23 ? 18  DA  B "C1'" 1 
ATOM   355 N  N9    . DA  B 1 6  ? -1.409  1.285   4.564   1.00 17.18 ? 18  DA  B N9    1 
ATOM   356 C  C8    . DA  B 1 6  ? -2.635  0.665   4.506   1.00 14.69 ? 18  DA  B C8    1 
ATOM   357 N  N7    . DA  B 1 6  ? -2.724  -0.338  3.657   1.00 18.53 ? 18  DA  B N7    1 
ATOM   358 C  C5    . DA  B 1 6  ? -1.435  -0.373  3.118   1.00 13.58 ? 18  DA  B C5    1 
ATOM   359 C  C6    . DA  B 1 6  ? -0.867  -1.225  2.147   1.00 15.41 ? 18  DA  B C6    1 
ATOM   360 N  N6    . DA  B 1 6  ? -1.555  -2.218  1.544   1.00 16.10 ? 18  DA  B N6    1 
ATOM   361 N  N1    . DA  B 1 6  ? 0.419   -0.989  1.849   1.00 14.05 ? 18  DA  B N1    1 
ATOM   362 C  C2    . DA  B 1 6  ? 1.116   -0.015  2.430   1.00 15.10 ? 18  DA  B C2    1 
ATOM   363 N  N3    . DA  B 1 6  ? 0.667   0.853   3.369   1.00 17.37 ? 18  DA  B N3    1 
ATOM   364 C  C4    . DA  B 1 6  ? -0.626  0.606   3.661   1.00 14.34 ? 18  DA  B C4    1 
ATOM   365 P  P     . DT  B 1 7  ? -0.887  6.559   6.394   1.00 24.40 ? 19  DT  B P     1 
ATOM   366 O  OP1   . DT  B 1 7  ? -0.134  7.497   7.258   1.00 31.15 ? 19  DT  B OP1   1 
ATOM   367 O  OP2   . DT  B 1 7  ? -2.294  6.737   5.971   1.00 22.85 ? 19  DT  B OP2   1 
ATOM   368 O  "O5'" . DT  B 1 7  ? -0.034  6.395   5.027   1.00 19.95 ? 19  DT  B "O5'" 1 
ATOM   369 C  "C5'" . DT  B 1 7  ? 1.325   5.954   5.080   1.00 21.48 ? 19  DT  B "C5'" 1 
ATOM   370 C  "C4'" . DT  B 1 7  ? 1.756   5.560   3.682   1.00 20.04 ? 19  DT  B "C4'" 1 
ATOM   371 O  "O4'" . DT  B 1 7  ? 1.002   4.416   3.220   1.00 16.80 ? 19  DT  B "O4'" 1 
ATOM   372 C  "C3'" . DT  B 1 7  ? 1.535   6.635   2.631   1.00 14.85 ? 19  DT  B "C3'" 1 
ATOM   373 O  "O3'" . DT  B 1 7  ? 2.795   7.161   2.258   1.00 18.83 ? 19  DT  B "O3'" 1 
ATOM   374 C  "C2'" . DT  B 1 7  ? 0.830   5.929   1.497   1.00 15.89 ? 19  DT  B "C2'" 1 
ATOM   375 C  "C1'" . DT  B 1 7  ? 1.008   4.462   1.776   1.00 15.10 ? 19  DT  B "C1'" 1 
ATOM   376 N  N1    . DT  B 1 7  ? -0.035  3.523   1.341   1.00 12.38 ? 19  DT  B N1    1 
ATOM   377 C  C2    . DT  B 1 7  ? 0.263   2.541   0.432   1.00 11.08 ? 19  DT  B C2    1 
ATOM   378 O  O2    . DT  B 1 7  ? 1.349   2.384   -0.065  1.00 14.07 ? 19  DT  B O2    1 
ATOM   379 N  N3    . DT  B 1 7  ? -0.774  1.704   0.088   1.00 12.81 ? 19  DT  B N3    1 
ATOM   380 C  C4    . DT  B 1 7  ? -2.066  1.761   0.574   1.00 13.96 ? 19  DT  B C4    1 
ATOM   381 O  O4    . DT  B 1 7  ? -2.858  0.933   0.154   1.00 15.49 ? 19  DT  B O4    1 
ATOM   382 C  C5    . DT  B 1 7  ? -2.314  2.817   1.533   1.00 13.71 ? 19  DT  B C5    1 
ATOM   383 C  C7    . DT  B 1 7  ? -3.670  2.984   2.131   1.00 18.93 ? 19  DT  B C7    1 
ATOM   384 C  C6    . DT  B 1 7  ? -1.301  3.627   1.864   1.00 13.71 ? 19  DT  B C6    1 
ATOM   385 P  P     . DT  B 1 8  ? 2.968   8.408   1.257   1.00 18.32 ? 20  DT  B P     1 
ATOM   386 O  OP1   . DT  B 1 8  ? 4.307   8.984   1.557   1.00 22.33 ? 20  DT  B OP1   1 
ATOM   387 O  OP2   . DT  B 1 8  ? 1.763   9.223   1.283   1.00 22.66 ? 20  DT  B OP2   1 
ATOM   388 O  "O5'" . DT  B 1 8  ? 3.074   7.684   -0.169  1.00 13.71 ? 20  DT  B "O5'" 1 
ATOM   389 C  "C5'" . DT  B 1 8  ? 4.113   6.716   -0.379  1.00 15.22 ? 20  DT  B "C5'" 1 
ATOM   390 C  "C4'" . DT  B 1 8  ? 3.902   6.052   -1.719  1.00 15.95 ? 20  DT  B "C4'" 1 
ATOM   391 O  "O4'" . DT  B 1 8  ? 2.696   5.276   -1.731  1.00 15.96 ? 20  DT  B "O4'" 1 
ATOM   392 C  "C3'" . DT  B 1 8  ? 3.760   7.035   -2.902  1.00 18.80 ? 20  DT  B "C3'" 1 
ATOM   393 O  "O3'" . DT  B 1 8  ? 4.885   6.852   -3.760  1.00 18.54 ? 20  DT  B "O3'" 1 
ATOM   394 C  "C2'" . DT  B 1 8  ? 2.425   6.707   -3.505  1.00 16.98 ? 20  DT  B "C2'" 1 
ATOM   395 C  "C1'" . DT  B 1 8  ? 2.162   5.296   -3.098  1.00 13.59 ? 20  DT  B "C1'" 1 
ATOM   396 N  N1    . DT  B 1 8  ? 0.822   4.790   -2.882  1.00 16.65 ? 20  DT  B N1    1 
ATOM   397 C  C2    . DT  B 1 8  ? 0.373   3.641   -3.481  1.00 16.64 ? 20  DT  B C2    1 
ATOM   398 O  O2    . DT  B 1 8  ? 1.081   2.987   -4.237  1.00 17.57 ? 20  DT  B O2    1 
ATOM   399 N  N3    . DT  B 1 8  ? -0.912  3.269   -3.184  1.00 14.06 ? 20  DT  B N3    1 
ATOM   400 C  C4    . DT  B 1 8  ? -1.808  3.907   -2.363  1.00 12.75 ? 20  DT  B C4    1 
ATOM   401 O  O4    . DT  B 1 8  ? -2.932  3.472   -2.183  1.00 16.36 ? 20  DT  B O4    1 
ATOM   402 C  C5    . DT  B 1 8  ? -1.276  5.104   -1.760  1.00 12.39 ? 20  DT  B C5    1 
ATOM   403 C  C7    . DT  B 1 8  ? -2.186  5.872   -0.837  1.00 21.64 ? 20  DT  B C7    1 
ATOM   404 C  C6    . DT  B 1 8  ? -0.032  5.483   -2.032  1.00 13.79 ? 20  DT  B C6    1 
ATOM   405 P  P     . DC  B 1 9  ? 5.153   7.760   -5.082  1.00 24.44 ? 21  DC  B P     1 
ATOM   406 O  OP1   . DC  B 1 9  ? 6.603   7.560   -5.402  1.00 23.21 ? 21  DC  B OP1   1 
ATOM   407 O  OP2   . DC  B 1 9  ? 4.443   9.025   -4.955  1.00 32.24 ? 21  DC  B OP2   1 
ATOM   408 O  "O5'" . DC  B 1 9  ? 4.367   6.900   -6.201  1.00 16.58 ? 21  DC  B "O5'" 1 
ATOM   409 C  "C5'" . DC  B 1 9  ? 4.873   5.627   -6.586  1.00 13.28 ? 21  DC  B "C5'" 1 
ATOM   410 C  "C4'" . DC  B 1 9  ? 3.862   5.017   -7.527  1.00 14.63 ? 21  DC  B "C4'" 1 
ATOM   411 O  "O4'" . DC  B 1 9  ? 2.580   4.896   -6.883  1.00 13.15 ? 21  DC  B "O4'" 1 
ATOM   412 C  "C3'" . DC  B 1 9  ? 3.620   5.853   -8.781  1.00 14.86 ? 21  DC  B "C3'" 1 
ATOM   413 O  "O3'" . DC  B 1 9  ? 4.166   5.146   -9.891  1.00 13.97 ? 21  DC  B "O3'" 1 
ATOM   414 C  "C2'" . DC  B 1 9  ? 2.132   6.041   -8.882  1.00 12.48 ? 21  DC  B "C2'" 1 
ATOM   415 C  "C1'" . DC  B 1 9  ? 1.589   4.994   -7.964  1.00 14.48 ? 21  DC  B "C1'" 1 
ATOM   416 N  N1    . DC  B 1 9  ? 0.388   5.202   -7.161  1.00 11.96 ? 21  DC  B N1    1 
ATOM   417 C  C2    . DC  B 1 9  ? -0.675  4.297   -7.285  1.00 12.63 ? 21  DC  B C2    1 
ATOM   418 O  O2    . DC  B 1 9  ? -0.563  3.361   -8.086  1.00 13.85 ? 21  DC  B O2    1 
ATOM   419 N  N3    . DC  B 1 9  ? -1.782  4.486   -6.540  1.00 12.66 ? 21  DC  B N3    1 
ATOM   420 C  C4    . DC  B 1 9  ? -1.878  5.501   -5.688  1.00 13.01 ? 21  DC  B C4    1 
ATOM   421 N  N4    . DC  B 1 9  ? -2.999  5.670   -4.951  1.00 12.18 ? 21  DC  B N4    1 
ATOM   422 C  C5    . DC  B 1 9  ? -0.815  6.437   -5.530  1.00 12.34 ? 21  DC  B C5    1 
ATOM   423 C  C6    . DC  B 1 9  ? 0.276   6.242   -6.275  1.00 15.71 ? 21  DC  B C6    1 
ATOM   424 P  P     . DG  B 1 10 ? 4.379   5.842   -11.320 1.00 14.79 ? 22  DG  B P     1 
ATOM   425 O  OP1   . DG  B 1 10 ? 5.413   5.086   -12.037 1.00 16.45 ? 22  DG  B OP1   1 
ATOM   426 O  OP2   . DG  B 1 10 ? 4.489   7.310   -11.120 1.00 16.30 ? 22  DG  B OP2   1 
ATOM   427 O  "O5'" . DG  B 1 10 ? 2.952   5.609   -12.019 1.00 15.34 ? 22  DG  B "O5'" 1 
ATOM   428 C  "C5'" . DG  B 1 10 ? 2.500   4.270   -12.278 1.00 15.21 ? 22  DG  B "C5'" 1 
ATOM   429 C  "C4'" . DG  B 1 10 ? 1.067   4.392   -12.765 1.00 12.34 ? 22  DG  B "C4'" 1 
ATOM   430 O  "O4'" . DG  B 1 10 ? 0.215   4.751   -11.656 1.00 13.39 ? 22  DG  B "O4'" 1 
ATOM   431 C  "C3'" . DG  B 1 10 ? 0.810   5.474   -13.776 1.00 13.61 ? 22  DG  B "C3'" 1 
ATOM   432 O  "O3'" . DG  B 1 10 ? -0.075  4.997   -14.777 1.00 16.58 ? 22  DG  B "O3'" 1 
ATOM   433 C  "C2'" . DG  B 1 10 ? 0.157   6.611   -13.026 1.00 14.43 ? 22  DG  B "C2'" 1 
ATOM   434 C  "C1'" . DG  B 1 10 ? -0.699  5.729   -12.107 1.00 13.95 ? 22  DG  B "C1'" 1 
ATOM   435 N  N9    . DG  B 1 10 ? -1.255  6.346   -10.911 1.00 11.77 ? 22  DG  B N9    1 
ATOM   436 C  C8    . DG  B 1 10 ? -0.766  7.405   -10.175 1.00 11.83 ? 22  DG  B C8    1 
ATOM   437 N  N7    . DG  B 1 10 ? -1.546  7.691   -9.143  1.00 11.95 ? 22  DG  B N7    1 
ATOM   438 C  C5    . DG  B 1 10 ? -2.589  6.755   -9.232  1.00 9.84  ? 22  DG  B C5    1 
ATOM   439 C  C6    . DG  B 1 10 ? -3.740  6.539   -8.421  1.00 10.82 ? 22  DG  B C6    1 
ATOM   440 O  O6    . DG  B 1 10 ? -4.037  7.194   -7.418  1.00 13.57 ? 22  DG  B O6    1 
ATOM   441 N  N1    . DG  B 1 10 ? -4.507  5.490   -8.895  1.00 12.21 ? 22  DG  B N1    1 
ATOM   442 C  C2    . DG  B 1 10 ? -4.238  4.714   -10.007 1.00 10.43 ? 22  DG  B C2    1 
ATOM   443 N  N2    . DG  B 1 10 ? -5.117  3.737   -10.292 1.00 13.03 ? 22  DG  B N2    1 
ATOM   444 N  N3    . DG  B 1 10 ? -3.177  4.909   -10.758 1.00 10.18 ? 22  DG  B N3    1 
ATOM   445 C  C4    . DG  B 1 10 ? -2.420  5.931   -10.308 1.00 9.79  ? 22  DG  B C4    1 
ATOM   446 P  P     . DC  B 1 11 ? 0.103   5.267   -16.337 1.00 19.47 ? 23  DC  B P     1 
ATOM   447 O  OP1   . DC  B 1 11 ? 1.245   4.483   -16.826 1.00 22.57 ? 23  DC  B OP1   1 
ATOM   448 O  OP2   . DC  B 1 11 ? -0.005  6.730   -16.545 1.00 23.17 ? 23  DC  B OP2   1 
ATOM   449 O  "O5'" . DC  B 1 11 ? -1.252  4.624   -16.908 1.00 22.08 ? 23  DC  B "O5'" 1 
ATOM   450 C  "C5'" . DC  B 1 11 ? -1.603  3.263   -16.595 1.00 17.61 ? 23  DC  B "C5'" 1 
ATOM   451 C  "C4'" . DC  B 1 11 ? -3.112  3.188   -16.509 1.00 15.80 ? 23  DC  B "C4'" 1 
ATOM   452 O  "O4'" . DC  B 1 11 ? -3.560  3.630   -15.215 1.00 19.33 ? 23  DC  B "O4'" 1 
ATOM   453 C  "C3'" . DC  B 1 11 ? -3.784  4.068   -17.540 1.00 22.29 ? 23  DC  B "C3'" 1 
ATOM   454 O  "O3'" . DC  B 1 11 ? -4.511  3.312   -18.512 1.00 21.67 ? 23  DC  B "O3'" 1 
ATOM   455 C  "C2'" . DC  B 1 11 ? -4.745  4.921   -16.768 1.00 27.09 ? 23  DC  B "C2'" 1 
ATOM   456 C  "C1'" . DC  B 1 11 ? -4.696  4.458   -15.341 1.00 18.77 ? 23  DC  B "C1'" 1 
ATOM   457 N  N1    . DC  B 1 11 ? -4.528  5.570   -14.389 1.00 17.51 ? 23  DC  B N1    1 
ATOM   458 C  C2    . DC  B 1 11 ? -5.490  5.779   -13.420 1.00 11.05 ? 23  DC  B C2    1 
ATOM   459 O  O2    . DC  B 1 11 ? -6.476  5.017   -13.370 1.00 15.06 ? 23  DC  B O2    1 
ATOM   460 N  N3    . DC  B 1 11 ? -5.294  6.814   -12.567 1.00 11.10 ? 23  DC  B N3    1 
ATOM   461 C  C4    . DC  B 1 11 ? -4.230  7.597   -12.670 1.00 12.54 ? 23  DC  B C4    1 
ATOM   462 N  N4    . DC  B 1 11 ? -4.136  8.582   -11.785 1.00 13.21 ? 23  DC  B N4    1 
ATOM   463 C  C5    . DC  B 1 11 ? -3.228  7.395   -13.666 1.00 12.28 ? 23  DC  B C5    1 
ATOM   464 C  C6    . DC  B 1 11 ? -3.421  6.378   -14.506 1.00 12.66 ? 23  DC  B C6    1 
ATOM   465 P  P     . DG  B 1 12 ? -5.264  4.128   -19.678 1.00 26.70 ? 24  DG  B P     1 
ATOM   466 O  OP1   . DG  B 1 12 ? -5.433  3.187   -20.811 1.00 47.01 ? 24  DG  B OP1   1 
ATOM   467 O  OP2   . DG  B 1 12 ? -4.633  5.450   -19.831 1.00 22.41 ? 24  DG  B OP2   1 
ATOM   468 O  "O5'" . DG  B 1 12 ? -6.715  4.423   -19.063 1.00 20.54 ? 24  DG  B "O5'" 1 
ATOM   469 C  "C5'" . DG  B 1 12 ? -7.697  3.407   -18.851 1.00 25.61 ? 24  DG  B "C5'" 1 
ATOM   470 C  "C4'" . DG  B 1 12 ? -8.847  4.022   -18.087 1.00 20.47 ? 24  DG  B "C4'" 1 
ATOM   471 O  "O4'" . DG  B 1 12 ? -8.393  4.519   -16.823 1.00 17.14 ? 24  DG  B "O4'" 1 
ATOM   472 C  "C3'" . DG  B 1 12 ? -9.481  5.255   -18.712 1.00 23.42 ? 24  DG  B "C3'" 1 
ATOM   473 O  "O3'" . DG  B 1 12 ? -10.302 4.881   -19.817 1.00 21.31 ? 24  DG  B "O3'" 1 
ATOM   474 C  "C2'" . DG  B 1 12 ? -10.207 5.842   -17.519 1.00 19.66 ? 24  DG  B "C2'" 1 
ATOM   475 C  "C1'" . DG  B 1 12 ? -9.229  5.611   -16.382 1.00 16.40 ? 24  DG  B "C1'" 1 
ATOM   476 N  N9    . DG  B 1 12 ? -8.301  6.697   -16.023 1.00 13.90 ? 24  DG  B N9    1 
ATOM   477 C  C8    . DG  B 1 12 ? -7.153  7.154   -16.630 1.00 17.56 ? 24  DG  B C8    1 
ATOM   478 N  N7    . DG  B 1 12 ? -6.575  8.163   -16.011 1.00 16.72 ? 24  DG  B N7    1 
ATOM   479 C  C5    . DG  B 1 12 ? -7.405  8.388   -14.916 1.00 14.70 ? 24  DG  B C5    1 
ATOM   480 C  C6    . DG  B 1 12 ? -7.290  9.350   -13.890 1.00 14.67 ? 24  DG  B C6    1 
ATOM   481 O  O6    . DG  B 1 12 ? -6.404  10.199  -13.771 1.00 14.99 ? 24  DG  B O6    1 
ATOM   482 N  N1    . DG  B 1 12 ? -8.325  9.268   -12.954 1.00 14.80 ? 24  DG  B N1    1 
ATOM   483 C  C2    . DG  B 1 12 ? -9.330  8.332   -13.059 1.00 17.82 ? 24  DG  B C2    1 
ATOM   484 N  N2    . DG  B 1 12 ? -10.267 8.366   -12.082 1.00 14.76 ? 24  DG  B N2    1 
ATOM   485 N  N3    . DG  B 1 12 ? -9.461  7.418   -14.009 1.00 14.14 ? 24  DG  B N3    1 
ATOM   486 C  C4    . DG  B 1 12 ? -8.464  7.496   -14.915 1.00 12.82 ? 24  DG  B C4    1 
HETATM 487 MG MG    . MG  C 2 .  ? -4.436  11.179  -6.202  1.00 13.50 ? 26  MG  A MG    1 
HETATM 488 C  C27   . DBN D 3 .  ? 2.606   0.971   -7.188  1.00 17.63 ? 25  DBN A C27   1 
HETATM 489 C  C28   . DBN D 3 .  ? 4.005   1.004   -7.838  1.00 24.11 ? 25  DBN A C28   1 
HETATM 490 C  C29   . DBN D 3 .  ? 1.904   2.482   11.440  1.00 37.13 ? 25  DBN A C29   1 
HETATM 491 C  C30   . DBN D 3 .  ? 1.268   1.173   10.934  1.00 47.34 ? 25  DBN A C30   1 
HETATM 492 C  C1    . DBN D 3 .  ? 4.433   3.336   3.967   1.00 14.09 ? 25  DBN A C1    1 
HETATM 493 S  S2    . DBN D 3 .  ? 3.937   2.487   2.581   1.00 20.96 ? 25  DBN A S2    1 
HETATM 494 C  C3    . DBN D 3 .  ? 5.045   3.290   1.571   1.00 19.57 ? 25  DBN A C3    1 
HETATM 495 C  C4    . DBN D 3 .  ? 5.787   4.213   2.285   1.00 17.98 ? 25  DBN A C4    1 
HETATM 496 C  C5    . DBN D 3 .  ? 5.441   4.213   3.662   1.00 15.89 ? 25  DBN A C5    1 
HETATM 497 C  C6    . DBN D 3 .  ? 5.103   3.046   0.129   1.00 22.91 ? 25  DBN A C6    1 
HETATM 498 N  N7    . DBN D 3 .  ? 6.103   3.468   -0.604  1.00 23.14 ? 25  DBN A N7    1 
HETATM 499 C  C8    . DBN D 3 .  ? 5.779   3.079   -1.874  1.00 14.25 ? 25  DBN A C8    1 
HETATM 500 C  C9    . DBN D 3 .  ? 4.560   2.416   -1.915  1.00 20.20 ? 25  DBN A C9    1 
HETATM 501 N  N10   . DBN D 3 .  ? 4.124   2.427   -0.597  1.00 19.73 ? 25  DBN A N10   1 
HETATM 502 C  C11   . DBN D 3 .  ? 6.495   3.249   -3.060  1.00 15.92 ? 25  DBN A C11   1 
HETATM 503 C  C12   . DBN D 3 .  ? 5.997   2.769   -4.258  1.00 12.85 ? 25  DBN A C12   1 
HETATM 504 C  C13   . DBN D 3 .  ? 4.768   2.097   -4.325  1.00 16.32 ? 25  DBN A C13   1 
HETATM 505 C  C14   . DBN D 3 .  ? 4.047   1.939   -3.116  1.00 7.64  ? 25  DBN A C14   1 
HETATM 506 C  C15   . DBN D 3 .  ? 3.874   3.083   5.308   1.00 16.20 ? 25  DBN A C15   1 
HETATM 507 C  C16   . DBN D 3 .  ? 3.159   1.893   5.529   1.00 21.27 ? 25  DBN A C16   1 
HETATM 508 C  C17   . DBN D 3 .  ? 2.633   1.620   6.801   1.00 21.44 ? 25  DBN A C17   1 
HETATM 509 C  C18   . DBN D 3 .  ? 2.821   2.524   7.854   1.00 25.44 ? 25  DBN A C18   1 
HETATM 510 C  C19   . DBN D 3 .  ? 3.563   3.695   7.627   1.00 29.33 ? 25  DBN A C19   1 
HETATM 511 C  C20   . DBN D 3 .  ? 4.086   3.976   6.358   1.00 21.71 ? 25  DBN A C20   1 
HETATM 512 C  C21   . DBN D 3 .  ? 4.200   1.626   -5.611  1.00 19.23 ? 25  DBN A C21   1 
HETATM 513 N  N22   . DBN D 3 .  ? 2.914   1.402   -5.805  1.00 19.17 ? 25  DBN A N22   1 
HETATM 514 N  N23   . DBN D 3 .  ? 4.861   1.444   -6.716  1.00 24.31 ? 25  DBN A N23   1 
HETATM 515 C  C24   . DBN D 3 .  ? 2.297   2.248   9.186   1.00 32.86 ? 25  DBN A C24   1 
HETATM 516 N  N25   . DBN D 3 .  ? 2.518   3.021   10.223  1.00 42.76 ? 25  DBN A N25   1 
HETATM 517 N  N26   . DBN D 3 .  ? 1.627   1.172   9.515   1.00 44.29 ? 25  DBN A N26   1 
HETATM 518 O  O     . HOH E 4 .  ? 7.333   -5.283  -9.761  1.00 14.16 ? 28  HOH A O     1 
HETATM 519 O  O     . HOH E 4 .  ? -3.159  12.254  -10.073 1.00 22.53 ? 30  HOH A O     1 
HETATM 520 O  O     . HOH E 4 .  ? -0.079  -0.582  -9.039  1.00 17.12 ? 31  HOH A O     1 
HETATM 521 O  O     . HOH E 4 .  ? -16.842 2.317   -4.516  1.00 17.87 ? 33  HOH A O     1 
HETATM 522 O  O     . HOH E 4 .  ? 5.498   -5.761  -3.591  1.00 17.07 ? 35  HOH A O     1 
HETATM 523 O  O     . HOH E 4 .  ? -3.714  14.823  -8.409  1.00 19.21 ? 37  HOH A O     1 
HETATM 524 O  O     . HOH E 4 .  ? -10.266 9.847   -3.879  1.00 17.30 ? 38  HOH A O     1 
HETATM 525 O  O     . HOH E 4 .  ? 0.486   -6.825  -5.624  1.00 19.62 ? 39  HOH A O     1 
HETATM 526 O  O     . HOH E 4 .  ? 0.692   -7.773  -12.602 1.00 22.32 ? 41  HOH A O     1 
HETATM 527 O  O     . HOH E 4 .  ? 7.481   -6.402  -1.558  1.00 22.27 ? 42  HOH A O     1 
HETATM 528 O  O     . HOH E 4 .  ? 0.194   -0.180  8.781   1.00 21.49 ? 43  HOH A O     1 
HETATM 529 O  O     . HOH E 4 .  ? -9.558  7.536   -2.297  1.00 29.52 ? 44  HOH A O     1 
HETATM 530 O  O     . HOH E 4 .  ? 9.152   -4.441  -0.509  1.00 23.45 ? 45  HOH A O     1 
HETATM 531 O  O     . HOH E 4 .  ? 7.874   -5.997  3.797   1.00 24.66 ? 46  HOH A O     1 
HETATM 532 O  O     . HOH E 4 .  ? -6.124  11.449  -1.767  1.00 28.48 ? 47  HOH A O     1 
HETATM 533 O  O     . HOH E 4 .  ? -1.455  -1.391  -11.168 1.00 21.58 ? 48  HOH A O     1 
HETATM 534 O  O     . HOH E 4 .  ? 6.802   -9.881  -2.425  1.00 22.31 ? 49  HOH A O     1 
HETATM 535 O  O     . HOH E 4 .  ? 0.125   -7.572  22.358  1.00 22.47 ? 52  HOH A O     1 
HETATM 536 O  O     . HOH E 4 .  ? -5.793  4.088   -2.454  1.00 36.51 ? 53  HOH A O     1 
HETATM 537 O  O     . HOH E 4 .  ? 4.342   -8.233  -2.968  1.00 20.85 ? 54  HOH A O     1 
HETATM 538 O  O     . HOH E 4 .  ? -5.100  8.681   -1.493  1.00 18.83 ? 55  HOH A O     1 
HETATM 539 O  O     . HOH E 4 .  ? 7.194   -3.855  18.916  1.00 25.10 ? 57  HOH A O     1 
HETATM 540 O  O     . HOH E 4 .  ? -17.047 6.481   -4.846  1.00 23.95 ? 59  HOH A O     1 
HETATM 541 O  O     . HOH E 4 .  ? 5.639   5.056   10.450  1.00 25.75 ? 60  HOH A O     1 
HETATM 542 O  O     . HOH E 4 .  ? -2.647  -5.314  -2.905  1.00 26.23 ? 61  HOH A O     1 
HETATM 543 O  O     . HOH E 4 .  ? 9.073   -3.836  2.577   1.00 25.30 ? 62  HOH A O     1 
HETATM 544 O  O     . HOH E 4 .  ? -6.705  6.945   -2.722  1.00 26.09 ? 64  HOH A O     1 
HETATM 545 O  O     . HOH E 4 .  ? -12.122 0.854   -2.454  1.00 30.58 ? 66  HOH A O     1 
HETATM 546 O  O     . HOH E 4 .  ? -0.806  -6.190  -0.440  1.00 27.70 ? 67  HOH A O     1 
HETATM 547 O  O     . HOH E 4 .  ? -1.775  -9.012  -8.742  1.00 23.23 ? 68  HOH A O     1 
HETATM 548 O  O     . HOH E 4 .  ? 0.000   -4.114  -12.478 1.00 31.80 ? 71  HOH A O     1 
HETATM 549 O  O     . HOH E 4 .  ? -5.993  -2.053  -2.927  1.00 27.57 ? 72  HOH A O     1 
HETATM 550 O  O     . HOH E 4 .  ? 2.866   -7.420  1.416   1.00 46.02 ? 75  HOH A O     1 
HETATM 551 O  O     . HOH E 4 .  ? 6.171   -1.361  -9.604  1.00 28.79 ? 76  HOH A O     1 
HETATM 552 O  O     . HOH E 4 .  ? 2.228   -1.997  11.694  1.00 30.50 ? 77  HOH A O     1 
HETATM 553 O  O     . HOH E 4 .  ? -12.049 15.523  -3.189  1.00 38.81 ? 78  HOH A O     1 
HETATM 554 O  O     . HOH E 4 .  ? 3.588   -0.274  10.144  1.00 32.12 ? 80  HOH A O     1 
HETATM 555 O  O     . HOH E 4 .  ? 4.149   -1.796  -10.854 1.00 27.34 ? 81  HOH A O     1 
HETATM 556 O  O     . HOH E 4 .  ? 3.747   3.419   14.414  1.00 37.69 ? 86  HOH A O     1 
HETATM 557 O  O     . HOH E 4 .  ? 10.184  -2.735  7.778   1.00 35.78 ? 91  HOH A O     1 
HETATM 558 O  O     . HOH E 4 .  ? 12.234  1.325   -0.221  1.00 43.16 ? 92  HOH A O     1 
HETATM 559 O  O     . HOH E 4 .  ? 8.515   4.912   -0.410  1.00 27.82 ? 95  HOH A O     1 
HETATM 560 O  O     . HOH E 4 .  ? -10.902 5.211   -2.707  1.00 33.64 ? 96  HOH A O     1 
HETATM 561 O  O     . HOH E 4 .  ? 3.091   -8.901  -0.618  1.00 36.71 ? 102 HOH A O     1 
HETATM 562 O  O     . HOH E 4 .  ? -13.806 -3.303  -8.809  1.00 29.09 ? 103 HOH A O     1 
HETATM 563 O  O     . HOH E 4 .  ? -7.433  2.043   -2.860  1.00 39.21 ? 104 HOH A O     1 
HETATM 564 O  O     . HOH E 4 .  ? 0.528   0.851   18.958  1.00 41.96 ? 106 HOH A O     1 
HETATM 565 O  O     . HOH E 4 .  ? -6.217  -0.157  -1.498  1.00 33.24 ? 108 HOH A O     1 
HETATM 566 O  O     . HOH E 4 .  ? -4.371  -8.626  -9.213  1.00 41.61 ? 113 HOH A O     1 
HETATM 567 O  O     . HOH E 4 .  ? -2.689  -6.068  20.100  1.00 38.63 ? 115 HOH A O     1 
HETATM 568 O  O     . HOH E 4 .  ? 9.653   1.172   -5.030  1.00 29.77 ? 119 HOH A O     1 
HETATM 569 O  O     . HOH E 4 .  ? 12.279  -0.264  -3.996  1.00 53.69 ? 120 HOH A O     1 
HETATM 570 O  O     . HOH E 4 .  ? 7.757   6.247   6.385   1.00 33.33 ? 122 HOH A O     1 
HETATM 571 O  O     . HOH E 4 .  ? -9.988  9.417   -0.179  1.00 44.50 ? 124 HOH A O     1 
HETATM 572 O  O     . HOH E 4 .  ? 3.244   -4.303  20.294  1.00 39.66 ? 125 HOH A O     1 
HETATM 573 O  O     . HOH E 4 .  ? -6.465  10.620  -5.908  1.00 14.99 ? 129 HOH A O     1 
HETATM 574 O  O     . HOH E 4 .  ? -5.090  13.138  -6.637  1.00 14.31 ? 130 HOH A O     1 
HETATM 575 O  O     . HOH E 4 .  ? -4.291  11.721  -4.157  1.00 16.86 ? 132 HOH A O     1 
HETATM 576 O  O     . HOH E 4 .  ? -4.562  10.606  -8.250  1.00 14.92 ? 133 HOH A O     1 
HETATM 577 O  O     . HOH F 4 .  ? -3.070  8.169   -3.417  1.00 16.27 ? 27  HOH B O     1 
HETATM 578 O  O     . HOH F 4 .  ? -0.729  9.862   -7.653  1.00 14.46 ? 29  HOH B O     1 
HETATM 579 O  O     . HOH F 4 .  ? 1.249   -17.206 9.043   1.00 19.52 ? 32  HOH B O     1 
HETATM 580 O  O     . HOH F 4 .  ? -1.755  10.329  -12.333 1.00 18.80 ? 34  HOH B O     1 
HETATM 581 O  O     . HOH F 4 .  ? -2.463  2.786   -12.507 1.00 20.62 ? 36  HOH B O     1 
HETATM 582 O  O     . HOH F 4 .  ? 2.168   8.912   -10.934 1.00 21.70 ? 40  HOH B O     1 
HETATM 583 O  O     . HOH F 4 .  ? 0.965   9.464   -5.269  1.00 22.49 ? 50  HOH B O     1 
HETATM 584 O  O     . HOH F 4 .  ? 0.715   1.964   -10.001 1.00 28.24 ? 51  HOH B O     1 
HETATM 585 O  O     . HOH F 4 .  ? -0.546  1.264   -12.249 1.00 29.14 ? 56  HOH B O     1 
HETATM 586 O  O     . HOH F 4 .  ? 9.482   -8.881  7.589   1.00 24.46 ? 58  HOH B O     1 
HETATM 587 O  O     . HOH F 4 .  ? 1.316   11.725  0.215   1.00 28.48 ? 63  HOH B O     1 
HETATM 588 O  O     . HOH F 4 .  ? -0.278  8.835   -0.673  1.00 27.23 ? 65  HOH B O     1 
HETATM 589 O  O     . HOH F 4 .  ? -11.255 2.621   -20.540 1.00 28.02 ? 69  HOH B O     1 
HETATM 590 O  O     . HOH F 4 .  ? -5.350  2.183   5.514   1.00 28.52 ? 70  HOH B O     1 
HETATM 591 O  O     . HOH F 4 .  ? -2.732  6.556   2.981   1.00 29.37 ? 73  HOH B O     1 
HETATM 592 O  O     . HOH F 4 .  ? 0.433   10.545  3.376   1.00 39.22 ? 74  HOH B O     1 
HETATM 593 O  O     . HOH F 4 .  ? 3.322   0.858   -10.807 1.00 43.54 ? 79  HOH B O     1 
HETATM 594 O  O     . HOH F 4 .  ? 7.842   5.701   -11.906 1.00 29.14 ? 82  HOH B O     1 
HETATM 595 O  O     . HOH F 4 .  ? -4.237  9.215   -17.082 1.00 31.84 ? 83  HOH B O     1 
HETATM 596 O  O     . HOH F 4 .  ? -1.306  -6.966  2.408   1.00 32.46 ? 84  HOH B O     1 
HETATM 597 O  O     . HOH F 4 .  ? 7.242   -9.892  4.473   1.00 37.78 ? 85  HOH B O     1 
HETATM 598 O  O     . HOH F 4 .  ? 7.498   7.336   -8.009  1.00 28.74 ? 87  HOH B O     1 
HETATM 599 O  O     . HOH F 4 .  ? 9.518   -17.858 9.341   1.00 30.71 ? 88  HOH B O     1 
HETATM 600 O  O     . HOH F 4 .  ? 7.462   -12.321 4.999   1.00 45.17 ? 89  HOH B O     1 
HETATM 601 O  O     . HOH F 4 .  ? 3.188   -8.086  3.708   1.00 31.34 ? 90  HOH B O     1 
HETATM 602 O  O     . HOH F 4 .  ? -5.026  -1.562  3.060   1.00 35.25 ? 93  HOH B O     1 
HETATM 603 O  O     . HOH F 4 .  ? 3.303   5.648   -18.610 1.00 30.82 ? 94  HOH B O     1 
HETATM 604 O  O     . HOH F 4 .  ? -6.776  -2.646  4.709   1.00 37.86 ? 97  HOH B O     1 
HETATM 605 O  O     . HOH F 4 .  ? 0.993   10.253  -13.008 1.00 34.91 ? 98  HOH B O     1 
HETATM 606 O  O     . HOH F 4 .  ? -0.950  5.682   -20.374 1.00 43.03 ? 99  HOH B O     1 
HETATM 607 O  O     . HOH F 4 .  ? 12.697  -16.750 7.442   1.00 40.73 ? 100 HOH B O     1 
HETATM 608 O  O     . HOH F 4 .  ? -3.301  -5.835  3.140   1.00 30.32 ? 101 HOH B O     1 
HETATM 609 O  O     . HOH F 4 .  ? 1.570   12.747  -12.506 1.00 35.44 ? 105 HOH B O     1 
HETATM 610 O  O     . HOH F 4 .  ? -3.134  -14.983 5.790   1.00 39.73 ? 107 HOH B O     1 
HETATM 611 O  O     . HOH F 4 .  ? 3.274   12.596  -8.837  1.00 35.16 ? 109 HOH B O     1 
HETATM 612 O  O     . HOH F 4 .  ? -0.922  -15.968 5.672   1.00 32.72 ? 110 HOH B O     1 
HETATM 613 O  O     . HOH F 4 .  ? -1.561  9.161   1.682   1.00 40.95 ? 111 HOH B O     1 
HETATM 614 O  O     . HOH F 4 .  ? 5.187   6.196   -15.035 1.00 45.66 ? 112 HOH B O     1 
HETATM 615 O  O     . HOH F 4 .  ? 10.256  -15.211 4.164   1.00 42.57 ? 114 HOH B O     1 
HETATM 616 O  O     . HOH F 4 .  ? -4.918  4.970   10.196  1.00 49.18 ? 116 HOH B O     1 
HETATM 617 O  O     . HOH F 4 .  ? -6.020  -12.959 8.381   1.00 36.56 ? 117 HOH B O     1 
HETATM 618 O  O     . HOH F 4 .  ? 2.791   11.527  -2.813  1.00 46.10 ? 118 HOH B O     1 
HETATM 619 O  O     . HOH F 4 .  ? 0.427   12.623  -9.520  1.00 47.47 ? 121 HOH B O     1 
HETATM 620 O  O     . HOH F 4 .  ? 13.011  -18.284 9.680   1.00 34.41 ? 123 HOH B O     1 
HETATM 621 O  O     . HOH F 4 .  ? -5.661  4.975   5.165   1.00 45.55 ? 126 HOH B O     1 
HETATM 622 O  O     . HOH F 4 .  ? 0.282   -9.449  2.303   1.00 46.42 ? 127 HOH B O     1 
HETATM 623 O  O     . HOH F 4 .  ? -3.768  9.230   -5.768  1.00 13.27 ? 128 HOH B O     1 
HETATM 624 O  O     . HOH F 4 .  ? -2.430  11.761  -6.500  1.00 15.96 ? 131 HOH B O     1 
# 
loop_
_pdbx_poly_seq_scheme.asym_id 
_pdbx_poly_seq_scheme.entity_id 
_pdbx_poly_seq_scheme.seq_id 
_pdbx_poly_seq_scheme.mon_id 
_pdbx_poly_seq_scheme.ndb_seq_num 
_pdbx_poly_seq_scheme.pdb_seq_num 
_pdbx_poly_seq_scheme.auth_seq_num 
_pdbx_poly_seq_scheme.pdb_mon_id 
_pdbx_poly_seq_scheme.auth_mon_id 
_pdbx_poly_seq_scheme.pdb_strand_id 
_pdbx_poly_seq_scheme.pdb_ins_code 
_pdbx_poly_seq_scheme.hetero 
A 1 1  DC 1  1  1  DC C A . n 
A 1 2  DG 2  2  2  DG G A . n 
A 1 3  DC 3  3  3  DC C A . n 
A 1 4  DG 4  4  4  DG G A . n 
A 1 5  DA 5  5  5  DA A A . n 
A 1 6  DA 6  6  6  DA A A . n 
A 1 7  DT 7  7  7  DT T A . n 
A 1 8  DT 8  8  8  DT T A . n 
A 1 9  DC 9  9  9  DC C A . n 
A 1 10 DG 10 10 10 DG G A . n 
A 1 11 DC 11 11 11 DC C A . n 
A 1 12 DG 12 12 12 DG G A . n 
B 1 1  DC 1  13 13 DC C B . n 
B 1 2  DG 2  14 14 DG G B . n 
B 1 3  DC 3  15 15 DC C B . n 
B 1 4  DG 4  16 16 DG G B . n 
B 1 5  DA 5  17 17 DA A B . n 
B 1 6  DA 6  18 18 DA A B . n 
B 1 7  DT 7  19 19 DT T B . n 
B 1 8  DT 8  20 20 DT T B . n 
B 1 9  DC 9  21 21 DC C B . n 
B 1 10 DG 10 22 22 DG G B . n 
B 1 11 DC 11 23 23 DC C B . n 
B 1 12 DG 12 24 24 DG G B . n 
# 
loop_
_pdbx_nonpoly_scheme.asym_id 
_pdbx_nonpoly_scheme.entity_id 
_pdbx_nonpoly_scheme.mon_id 
_pdbx_nonpoly_scheme.ndb_seq_num 
_pdbx_nonpoly_scheme.pdb_seq_num 
_pdbx_nonpoly_scheme.auth_seq_num 
_pdbx_nonpoly_scheme.pdb_mon_id 
_pdbx_nonpoly_scheme.auth_mon_id 
_pdbx_nonpoly_scheme.pdb_strand_id 
_pdbx_nonpoly_scheme.pdb_ins_code 
C 2 MG  1  26  26  MG  MO6 A . 
D 3 DBN 1  25  25  DBN DBN A . 
E 4 HOH 1  28  28  HOH HOH A . 
E 4 HOH 2  30  30  HOH HOH A . 
E 4 HOH 3  31  31  HOH HOH A . 
E 4 HOH 4  33  33  HOH HOH A . 
E 4 HOH 5  35  35  HOH HOH A . 
E 4 HOH 6  37  37  HOH HOH A . 
E 4 HOH 7  38  38  HOH HOH A . 
E 4 HOH 8  39  39  HOH HOH A . 
E 4 HOH 9  41  41  HOH HOH A . 
E 4 HOH 10 42  42  HOH HOH A . 
E 4 HOH 11 43  43  HOH HOH A . 
E 4 HOH 12 44  44  HOH HOH A . 
E 4 HOH 13 45  45  HOH HOH A . 
E 4 HOH 14 46  46  HOH HOH A . 
E 4 HOH 15 47  47  HOH HOH A . 
E 4 HOH 16 48  48  HOH HOH A . 
E 4 HOH 17 49  49  HOH HOH A . 
E 4 HOH 18 52  52  HOH HOH A . 
E 4 HOH 19 53  53  HOH HOH A . 
E 4 HOH 20 54  54  HOH HOH A . 
E 4 HOH 21 55  55  HOH HOH A . 
E 4 HOH 22 57  57  HOH HOH A . 
E 4 HOH 23 59  59  HOH HOH A . 
E 4 HOH 24 60  60  HOH HOH A . 
E 4 HOH 25 61  61  HOH HOH A . 
E 4 HOH 26 62  62  HOH HOH A . 
E 4 HOH 27 64  64  HOH HOH A . 
E 4 HOH 28 66  66  HOH HOH A . 
E 4 HOH 29 67  67  HOH HOH A . 
E 4 HOH 30 68  68  HOH HOH A . 
E 4 HOH 31 71  71  HOH HOH A . 
E 4 HOH 32 72  72  HOH HOH A . 
E 4 HOH 33 75  75  HOH HOH A . 
E 4 HOH 34 76  76  HOH HOH A . 
E 4 HOH 35 77  77  HOH HOH A . 
E 4 HOH 36 78  78  HOH HOH A . 
E 4 HOH 37 80  80  HOH HOH A . 
E 4 HOH 38 81  81  HOH HOH A . 
E 4 HOH 39 86  86  HOH HOH A . 
E 4 HOH 40 91  91  HOH HOH A . 
E 4 HOH 41 92  92  HOH HOH A . 
E 4 HOH 42 95  95  HOH HOH A . 
E 4 HOH 43 96  96  HOH HOH A . 
E 4 HOH 44 102 102 HOH HOH A . 
E 4 HOH 45 103 103 HOH HOH A . 
E 4 HOH 46 104 104 HOH HOH A . 
E 4 HOH 47 106 106 HOH HOH A . 
E 4 HOH 48 108 108 HOH HOH A . 
E 4 HOH 49 113 113 HOH HOH A . 
E 4 HOH 50 115 115 HOH HOH A . 
E 4 HOH 51 119 119 HOH HOH A . 
E 4 HOH 52 120 120 HOH HOH A . 
E 4 HOH 53 122 122 HOH HOH A . 
E 4 HOH 54 124 124 HOH HOH A . 
E 4 HOH 55 125 125 HOH HOH A . 
E 4 HOH 56 129 26  HOH MO6 A . 
E 4 HOH 57 130 26  HOH MO6 A . 
E 4 HOH 58 132 26  HOH MO6 A . 
E 4 HOH 59 133 26  HOH MO6 A . 
F 4 HOH 1  27  27  HOH HOH B . 
F 4 HOH 2  29  29  HOH HOH B . 
F 4 HOH 3  32  32  HOH HOH B . 
F 4 HOH 4  34  34  HOH HOH B . 
F 4 HOH 5  36  36  HOH HOH B . 
F 4 HOH 6  40  40  HOH HOH B . 
F 4 HOH 7  50  50  HOH HOH B . 
F 4 HOH 8  51  51  HOH HOH B . 
F 4 HOH 9  56  56  HOH HOH B . 
F 4 HOH 10 58  58  HOH HOH B . 
F 4 HOH 11 63  63  HOH HOH B . 
F 4 HOH 12 65  65  HOH HOH B . 
F 4 HOH 13 69  69  HOH HOH B . 
F 4 HOH 14 70  70  HOH HOH B . 
F 4 HOH 15 73  73  HOH HOH B . 
F 4 HOH 16 74  74  HOH HOH B . 
F 4 HOH 17 79  79  HOH HOH B . 
F 4 HOH 18 82  82  HOH HOH B . 
F 4 HOH 19 83  83  HOH HOH B . 
F 4 HOH 20 84  84  HOH HOH B . 
F 4 HOH 21 85  85  HOH HOH B . 
F 4 HOH 22 87  87  HOH HOH B . 
F 4 HOH 23 88  88  HOH HOH B . 
F 4 HOH 24 89  89  HOH HOH B . 
F 4 HOH 25 90  90  HOH HOH B . 
F 4 HOH 26 93  93  HOH HOH B . 
F 4 HOH 27 94  94  HOH HOH B . 
F 4 HOH 28 97  97  HOH HOH B . 
F 4 HOH 29 98  98  HOH HOH B . 
F 4 HOH 30 99  99  HOH HOH B . 
F 4 HOH 31 100 100 HOH HOH B . 
F 4 HOH 32 101 101 HOH HOH B . 
F 4 HOH 33 105 105 HOH HOH B . 
F 4 HOH 34 107 107 HOH HOH B . 
F 4 HOH 35 109 109 HOH HOH B . 
F 4 HOH 36 110 110 HOH HOH B . 
F 4 HOH 37 111 111 HOH HOH B . 
F 4 HOH 38 112 112 HOH HOH B . 
F 4 HOH 39 114 114 HOH HOH B . 
F 4 HOH 40 116 116 HOH HOH B . 
F 4 HOH 41 117 117 HOH HOH B . 
F 4 HOH 42 118 118 HOH HOH B . 
F 4 HOH 43 121 121 HOH HOH B . 
F 4 HOH 44 123 123 HOH HOH B . 
F 4 HOH 45 126 126 HOH HOH B . 
F 4 HOH 46 127 127 HOH HOH B . 
F 4 HOH 47 128 26  HOH MO6 B . 
F 4 HOH 48 131 26  HOH MO6 B . 
# 
_struct_site_keywords.site_id   1 
_struct_site_keywords.text      'minor groove binder' 
# 
_pdbx_struct_assembly.id                   1 
_pdbx_struct_assembly.details              author_defined_assembly 
_pdbx_struct_assembly.method_details       ? 
_pdbx_struct_assembly.oligomeric_details   dimeric 
_pdbx_struct_assembly.oligomeric_count     2 
# 
_pdbx_struct_assembly_gen.assembly_id       1 
_pdbx_struct_assembly_gen.oper_expression   1 
_pdbx_struct_assembly_gen.asym_id_list      A,B,C,D,E,F 
# 
_pdbx_struct_oper_list.id                   1 
_pdbx_struct_oper_list.type                 'identity operation' 
_pdbx_struct_oper_list.name                 1_555 
_pdbx_struct_oper_list.symmetry_operation   x,y,z 
_pdbx_struct_oper_list.matrix[1][1]         1.0000000000 
_pdbx_struct_oper_list.matrix[1][2]         0.0000000000 
_pdbx_struct_oper_list.matrix[1][3]         0.0000000000 
_pdbx_struct_oper_list.vector[1]            0.0000000000 
_pdbx_struct_oper_list.matrix[2][1]         0.0000000000 
_pdbx_struct_oper_list.matrix[2][2]         1.0000000000 
_pdbx_struct_oper_list.matrix[2][3]         0.0000000000 
_pdbx_struct_oper_list.vector[2]            0.0000000000 
_pdbx_struct_oper_list.matrix[3][1]         0.0000000000 
_pdbx_struct_oper_list.matrix[3][2]         0.0000000000 
_pdbx_struct_oper_list.matrix[3][3]         1.0000000000 
_pdbx_struct_oper_list.vector[3]            0.0000000000 
# 
loop_
_pdbx_struct_conn_angle.id 
_pdbx_struct_conn_angle.ptnr1_label_atom_id 
_pdbx_struct_conn_angle.ptnr1_label_alt_id 
_pdbx_struct_conn_angle.ptnr1_label_asym_id 
_pdbx_struct_conn_angle.ptnr1_label_comp_id 
_pdbx_struct_conn_angle.ptnr1_label_seq_id 
_pdbx_struct_conn_angle.ptnr1_auth_atom_id 
_pdbx_struct_conn_angle.ptnr1_auth_asym_id 
_pdbx_struct_conn_angle.ptnr1_auth_comp_id 
_pdbx_struct_conn_angle.ptnr1_auth_seq_id 
_pdbx_struct_conn_angle.ptnr1_PDB_ins_code 
_pdbx_struct_conn_angle.ptnr1_symmetry 
_pdbx_struct_conn_angle.ptnr2_label_atom_id 
_pdbx_struct_conn_angle.ptnr2_label_alt_id 
_pdbx_struct_conn_angle.ptnr2_label_asym_id 
_pdbx_struct_conn_angle.ptnr2_label_comp_id 
_pdbx_struct_conn_angle.ptnr2_label_seq_id 
_pdbx_struct_conn_angle.ptnr2_auth_atom_id 
_pdbx_struct_conn_angle.ptnr2_auth_asym_id 
_pdbx_struct_conn_angle.ptnr2_auth_comp_id 
_pdbx_struct_conn_angle.ptnr2_auth_seq_id 
_pdbx_struct_conn_angle.ptnr2_PDB_ins_code 
_pdbx_struct_conn_angle.ptnr2_symmetry 
_pdbx_struct_conn_angle.ptnr3_label_atom_id 
_pdbx_struct_conn_angle.ptnr3_label_alt_id 
_pdbx_struct_conn_angle.ptnr3_label_asym_id 
_pdbx_struct_conn_angle.ptnr3_label_comp_id 
_pdbx_struct_conn_angle.ptnr3_label_seq_id 
_pdbx_struct_conn_angle.ptnr3_auth_atom_id 
_pdbx_struct_conn_angle.ptnr3_auth_asym_id 
_pdbx_struct_conn_angle.ptnr3_auth_comp_id 
_pdbx_struct_conn_angle.ptnr3_auth_seq_id 
_pdbx_struct_conn_angle.ptnr3_PDB_ins_code 
_pdbx_struct_conn_angle.ptnr3_symmetry 
_pdbx_struct_conn_angle.value 
_pdbx_struct_conn_angle.value_esd 
1  O ? E HOH . ? A HOH 129 ? 1_555 MG ? C MG . ? A MG 26 ? 1_555 O ? E HOH . ? A HOH 130 ? 1_555 88.6  ? 
2  O ? E HOH . ? A HOH 129 ? 1_555 MG ? C MG . ? A MG 26 ? 1_555 O ? E HOH . ? A HOH 132 ? 1_555 89.9  ? 
3  O ? E HOH . ? A HOH 130 ? 1_555 MG ? C MG . ? A MG 26 ? 1_555 O ? E HOH . ? A HOH 132 ? 1_555 89.0  ? 
4  O ? E HOH . ? A HOH 129 ? 1_555 MG ? C MG . ? A MG 26 ? 1_555 O ? E HOH . ? A HOH 133 ? 1_555 90.3  ? 
5  O ? E HOH . ? A HOH 130 ? 1_555 MG ? C MG . ? A MG 26 ? 1_555 O ? E HOH . ? A HOH 133 ? 1_555 91.9  ? 
6  O ? E HOH . ? A HOH 132 ? 1_555 MG ? C MG . ? A MG 26 ? 1_555 O ? E HOH . ? A HOH 133 ? 1_555 179.0 ? 
7  O ? E HOH . ? A HOH 129 ? 1_555 MG ? C MG . ? A MG 26 ? 1_555 O ? F HOH . ? B HOH 128 ? 1_555 91.8  ? 
8  O ? E HOH . ? A HOH 130 ? 1_555 MG ? C MG . ? A MG 26 ? 1_555 O ? F HOH . ? B HOH 128 ? 1_555 179.6 ? 
9  O ? E HOH . ? A HOH 132 ? 1_555 MG ? C MG . ? A MG 26 ? 1_555 O ? F HOH . ? B HOH 128 ? 1_555 90.9  ? 
10 O ? E HOH . ? A HOH 133 ? 1_555 MG ? C MG . ? A MG 26 ? 1_555 O ? F HOH . ? B HOH 128 ? 1_555 88.1  ? 
11 O ? E HOH . ? A HOH 129 ? 1_555 MG ? C MG . ? A MG 26 ? 1_555 O ? F HOH . ? B HOH 131 ? 1_555 179.2 ? 
12 O ? E HOH . ? A HOH 130 ? 1_555 MG ? C MG . ? A MG 26 ? 1_555 O ? F HOH . ? B HOH 131 ? 1_555 90.6  ? 
13 O ? E HOH . ? A HOH 132 ? 1_555 MG ? C MG . ? A MG 26 ? 1_555 O ? F HOH . ? B HOH 131 ? 1_555 90.1  ? 
14 O ? E HOH . ? A HOH 133 ? 1_555 MG ? C MG . ? A MG 26 ? 1_555 O ? F HOH . ? B HOH 131 ? 1_555 89.7  ? 
15 O ? F HOH . ? B HOH 128 ? 1_555 MG ? C MG . ? A MG 26 ? 1_555 O ? F HOH . ? B HOH 131 ? 1_555 89.0  ? 
# 
loop_
_pdbx_audit_revision_history.ordinal 
_pdbx_audit_revision_history.data_content_type 
_pdbx_audit_revision_history.major_revision 
_pdbx_audit_revision_history.minor_revision 
_pdbx_audit_revision_history.revision_date 
1 'Structure model' 1 0 2005-11-22 
2 'Structure model' 1 1 2008-05-01 
3 'Structure model' 1 2 2011-07-13 
4 'Structure model' 1 3 2019-07-24 
5 'Structure model' 1 4 2023-08-23 
# 
_pdbx_audit_revision_details.ordinal             1 
_pdbx_audit_revision_details.revision_ordinal    1 
_pdbx_audit_revision_details.data_content_type   'Structure model' 
_pdbx_audit_revision_details.provider            repository 
_pdbx_audit_revision_details.type                'Initial release' 
_pdbx_audit_revision_details.description         ? 
_pdbx_audit_revision_details.details             ? 
# 
loop_
_pdbx_audit_revision_group.ordinal 
_pdbx_audit_revision_group.revision_ordinal 
_pdbx_audit_revision_group.data_content_type 
_pdbx_audit_revision_group.group 
1 2 'Structure model' 'Version format compliance' 
2 3 'Structure model' 'Version format compliance' 
3 4 'Structure model' 'Data collection'           
4 4 'Structure model' 'Refinement description'    
5 5 'Structure model' 'Data collection'           
6 5 'Structure model' 'Database references'       
7 5 'Structure model' 'Derived calculations'      
8 5 'Structure model' 'Refinement description'    
# 
loop_
_pdbx_audit_revision_category.ordinal 
_pdbx_audit_revision_category.revision_ordinal 
_pdbx_audit_revision_category.data_content_type 
_pdbx_audit_revision_category.category 
1 4 'Structure model' software                      
2 5 'Structure model' chem_comp_atom                
3 5 'Structure model' chem_comp_bond                
4 5 'Structure model' database_2                    
5 5 'Structure model' pdbx_initial_refinement_model 
6 5 'Structure model' pdbx_struct_conn_angle        
7 5 'Structure model' struct_conn                   
8 5 'Structure model' struct_site                   
# 
loop_
_pdbx_audit_revision_item.ordinal 
_pdbx_audit_revision_item.revision_ordinal 
_pdbx_audit_revision_item.data_content_type 
_pdbx_audit_revision_item.item 
1  4 'Structure model' '_software.classification'                    
2  4 'Structure model' '_software.name'                              
3  5 'Structure model' '_database_2.pdbx_DOI'                        
4  5 'Structure model' '_database_2.pdbx_database_accession'         
5  5 'Structure model' '_pdbx_struct_conn_angle.ptnr1_auth_asym_id'  
6  5 'Structure model' '_pdbx_struct_conn_angle.ptnr1_auth_seq_id'   
7  5 'Structure model' '_pdbx_struct_conn_angle.ptnr1_label_asym_id' 
8  5 'Structure model' '_pdbx_struct_conn_angle.ptnr3_auth_asym_id'  
9  5 'Structure model' '_pdbx_struct_conn_angle.ptnr3_auth_seq_id'   
10 5 'Structure model' '_pdbx_struct_conn_angle.ptnr3_label_asym_id' 
11 5 'Structure model' '_pdbx_struct_conn_angle.value'               
12 5 'Structure model' '_struct_conn.pdbx_dist_value'                
13 5 'Structure model' '_struct_conn.ptnr2_auth_asym_id'             
14 5 'Structure model' '_struct_conn.ptnr2_auth_seq_id'              
15 5 'Structure model' '_struct_conn.ptnr2_label_asym_id'            
16 5 'Structure model' '_struct_site.pdbx_auth_asym_id'              
17 5 'Structure model' '_struct_site.pdbx_auth_comp_id'              
18 5 'Structure model' '_struct_site.pdbx_auth_seq_id'               
# 
loop_
_software.name 
_software.classification 
_software.version 
_software.citation_id 
_software.pdbx_ordinal 
SHELXL-97 refinement       . ? 1 
SCALEPACK 'data scaling'   . ? 2 
CNS       refinement       . ? 3 
DENZO     'data reduction' . ? 4 
CNS       phasing          . ? 5 
# 
_pdbx_validate_close_contact.id               1 
_pdbx_validate_close_contact.PDB_model_num    1 
_pdbx_validate_close_contact.auth_atom_id_1   N26 
_pdbx_validate_close_contact.auth_asym_id_1   A 
_pdbx_validate_close_contact.auth_comp_id_1   DBN 
_pdbx_validate_close_contact.auth_seq_id_1    25 
_pdbx_validate_close_contact.PDB_ins_code_1   ? 
_pdbx_validate_close_contact.label_alt_id_1   ? 
_pdbx_validate_close_contact.auth_atom_id_2   O 
_pdbx_validate_close_contact.auth_asym_id_2   A 
_pdbx_validate_close_contact.auth_comp_id_2   HOH 
_pdbx_validate_close_contact.auth_seq_id_2    43 
_pdbx_validate_close_contact.PDB_ins_code_2   ? 
_pdbx_validate_close_contact.label_alt_id_2   ? 
_pdbx_validate_close_contact.dist             2.10 
# 
loop_
_pdbx_validate_rmsd_angle.id 
_pdbx_validate_rmsd_angle.PDB_model_num 
_pdbx_validate_rmsd_angle.auth_atom_id_1 
_pdbx_validate_rmsd_angle.auth_asym_id_1 
_pdbx_validate_rmsd_angle.auth_comp_id_1 
_pdbx_validate_rmsd_angle.auth_seq_id_1 
_pdbx_validate_rmsd_angle.PDB_ins_code_1 
_pdbx_validate_rmsd_angle.label_alt_id_1 
_pdbx_validate_rmsd_angle.auth_atom_id_2 
_pdbx_validate_rmsd_angle.auth_asym_id_2 
_pdbx_validate_rmsd_angle.auth_comp_id_2 
_pdbx_validate_rmsd_angle.auth_seq_id_2 
_pdbx_validate_rmsd_angle.PDB_ins_code_2 
_pdbx_validate_rmsd_angle.label_alt_id_2 
_pdbx_validate_rmsd_angle.auth_atom_id_3 
_pdbx_validate_rmsd_angle.auth_asym_id_3 
_pdbx_validate_rmsd_angle.auth_comp_id_3 
_pdbx_validate_rmsd_angle.auth_seq_id_3 
_pdbx_validate_rmsd_angle.PDB_ins_code_3 
_pdbx_validate_rmsd_angle.label_alt_id_3 
_pdbx_validate_rmsd_angle.angle_value 
_pdbx_validate_rmsd_angle.angle_target_value 
_pdbx_validate_rmsd_angle.angle_deviation 
_pdbx_validate_rmsd_angle.angle_standard_deviation 
_pdbx_validate_rmsd_angle.linker_flag 
1  1 "O4'" A DC 1  ? ? "C1'" A DC 1  ? ? N1    A DC 1  ? ? 103.70 108.00 -4.30 0.70 N 
2  1 "O4'" A DG 2  ? ? "C1'" A DG 2  ? ? N9    A DG 2  ? ? 102.91 108.00 -5.09 0.70 N 
3  1 C5    A DG 2  ? ? C6    A DG 2  ? ? O6    A DG 2  ? ? 124.66 128.60 -3.94 0.60 N 
4  1 "O4'" A DA 5  ? ? "C1'" A DA 5  ? ? N9    A DA 5  ? ? 102.54 108.00 -5.46 0.70 N 
5  1 "C3'" A DA 6  ? ? "O3'" A DA 6  ? ? P     A DT 7  ? ? 127.15 119.70 7.45  1.20 Y 
6  1 N1    A DG 10 ? ? C6    A DG 10 ? ? O6    A DG 10 ? ? 126.40 119.90 6.50  0.60 N 
7  1 C5    A DG 10 ? ? C6    A DG 10 ? ? O6    A DG 10 ? ? 123.56 128.60 -5.04 0.60 N 
8  1 "O4'" A DC 11 ? ? "C4'" A DC 11 ? ? "C3'" A DC 11 ? ? 101.96 104.50 -2.54 0.40 N 
9  1 "O4'" A DC 11 ? ? "C1'" A DC 11 ? ? N1    A DC 11 ? ? 101.53 108.00 -6.47 0.70 N 
10 1 "C1'" A DG 12 ? ? "O4'" A DG 12 ? ? "C4'" A DG 12 ? ? 103.74 110.10 -6.36 1.00 N 
11 1 N3    B DC 13 ? ? C4    B DC 13 ? ? C5    B DC 13 ? ? 118.71 121.90 -3.19 0.40 N 
12 1 "O4'" B DC 15 ? ? "C1'" B DC 15 ? ? N1    B DC 15 ? ? 100.83 108.00 -7.17 0.70 N 
13 1 C2    B DC 15 ? ? N3    B DC 15 ? ? C4    B DC 15 ? ? 123.38 119.90 3.48  0.50 N 
14 1 C5    B DC 15 ? ? C4    B DC 15 ? ? N4    B DC 15 ? ? 124.47 120.20 4.27  0.70 N 
15 1 C6    B DA 17 ? ? N1    B DA 17 ? ? C2    B DA 17 ? ? 123.17 118.60 4.57  0.60 N 
16 1 N1    B DA 17 ? ? C2    B DA 17 ? ? N3    B DA 17 ? ? 124.25 129.30 -5.05 0.50 N 
17 1 C6    B DA 18 ? ? N1    B DA 18 ? ? C2    B DA 18 ? ? 122.28 118.60 3.68  0.60 N 
18 1 "O4'" B DT 20 ? ? "C1'" B DT 20 ? ? N1    B DT 20 ? ? 101.08 108.00 -6.92 0.70 N 
19 1 "O4'" B DC 21 ? ? "C1'" B DC 21 ? ? N1    B DC 21 ? ? 99.18  108.00 -8.82 0.70 N 
20 1 "C3'" B DG 22 ? ? "C2'" B DG 22 ? ? "C1'" B DG 22 ? ? 96.08  102.40 -6.32 0.80 N 
# 
loop_
_chem_comp_atom.comp_id 
_chem_comp_atom.atom_id 
_chem_comp_atom.type_symbol 
_chem_comp_atom.pdbx_aromatic_flag 
_chem_comp_atom.pdbx_stereo_config 
_chem_comp_atom.pdbx_ordinal 
DA  OP3    O  N N 1   
DA  P      P  N N 2   
DA  OP1    O  N N 3   
DA  OP2    O  N N 4   
DA  "O5'"  O  N N 5   
DA  "C5'"  C  N N 6   
DA  "C4'"  C  N R 7   
DA  "O4'"  O  N N 8   
DA  "C3'"  C  N S 9   
DA  "O3'"  O  N N 10  
DA  "C2'"  C  N N 11  
DA  "C1'"  C  N R 12  
DA  N9     N  Y N 13  
DA  C8     C  Y N 14  
DA  N7     N  Y N 15  
DA  C5     C  Y N 16  
DA  C6     C  Y N 17  
DA  N6     N  N N 18  
DA  N1     N  Y N 19  
DA  C2     C  Y N 20  
DA  N3     N  Y N 21  
DA  C4     C  Y N 22  
DA  HOP3   H  N N 23  
DA  HOP2   H  N N 24  
DA  "H5'"  H  N N 25  
DA  "H5''" H  N N 26  
DA  "H4'"  H  N N 27  
DA  "H3'"  H  N N 28  
DA  "HO3'" H  N N 29  
DA  "H2'"  H  N N 30  
DA  "H2''" H  N N 31  
DA  "H1'"  H  N N 32  
DA  H8     H  N N 33  
DA  H61    H  N N 34  
DA  H62    H  N N 35  
DA  H2     H  N N 36  
DBN C27    C  N N 37  
DBN C28    C  N N 38  
DBN C29    C  N N 39  
DBN C30    C  N N 40  
DBN C1     C  Y N 41  
DBN S2     S  Y N 42  
DBN C3     C  Y N 43  
DBN C4     C  Y N 44  
DBN C5     C  Y N 45  
DBN C6     C  Y N 46  
DBN N7     N  Y N 47  
DBN C8     C  Y N 48  
DBN C9     C  Y N 49  
DBN N10    N  Y N 50  
DBN C11    C  Y N 51  
DBN C12    C  Y N 52  
DBN C13    C  Y N 53  
DBN C14    C  Y N 54  
DBN C15    C  Y N 55  
DBN C16    C  Y N 56  
DBN C17    C  Y N 57  
DBN C18    C  Y N 58  
DBN C19    C  Y N 59  
DBN C20    C  Y N 60  
DBN C21    C  N N 61  
DBN N22    N  N N 62  
DBN N23    N  N N 63  
DBN C24    C  N N 64  
DBN N25    N  N N 65  
DBN N26    N  N N 66  
DBN H271   H  N N 67  
DBN H272   H  N N 68  
DBN H281   H  N N 69  
DBN H282   H  N N 70  
DBN H291   H  N N 71  
DBN H292   H  N N 72  
DBN H301   H  N N 73  
DBN H302   H  N N 74  
DBN H4     H  N N 75  
DBN H5     H  N N 76  
DBN H10    H  N N 77  
DBN H11    H  N N 78  
DBN H12    H  N N 79  
DBN H14    H  N N 80  
DBN H16    H  N N 81  
DBN H17    H  N N 82  
DBN H19    H  N N 83  
DBN H20    H  N N 84  
DBN H22    H  N N 85  
DBN H25    H  N N 86  
DC  OP3    O  N N 87  
DC  P      P  N N 88  
DC  OP1    O  N N 89  
DC  OP2    O  N N 90  
DC  "O5'"  O  N N 91  
DC  "C5'"  C  N N 92  
DC  "C4'"  C  N R 93  
DC  "O4'"  O  N N 94  
DC  "C3'"  C  N S 95  
DC  "O3'"  O  N N 96  
DC  "C2'"  C  N N 97  
DC  "C1'"  C  N R 98  
DC  N1     N  N N 99  
DC  C2     C  N N 100 
DC  O2     O  N N 101 
DC  N3     N  N N 102 
DC  C4     C  N N 103 
DC  N4     N  N N 104 
DC  C5     C  N N 105 
DC  C6     C  N N 106 
DC  HOP3   H  N N 107 
DC  HOP2   H  N N 108 
DC  "H5'"  H  N N 109 
DC  "H5''" H  N N 110 
DC  "H4'"  H  N N 111 
DC  "H3'"  H  N N 112 
DC  "HO3'" H  N N 113 
DC  "H2'"  H  N N 114 
DC  "H2''" H  N N 115 
DC  "H1'"  H  N N 116 
DC  H41    H  N N 117 
DC  H42    H  N N 118 
DC  H5     H  N N 119 
DC  H6     H  N N 120 
DG  OP3    O  N N 121 
DG  P      P  N N 122 
DG  OP1    O  N N 123 
DG  OP2    O  N N 124 
DG  "O5'"  O  N N 125 
DG  "C5'"  C  N N 126 
DG  "C4'"  C  N R 127 
DG  "O4'"  O  N N 128 
DG  "C3'"  C  N S 129 
DG  "O3'"  O  N N 130 
DG  "C2'"  C  N N 131 
DG  "C1'"  C  N R 132 
DG  N9     N  Y N 133 
DG  C8     C  Y N 134 
DG  N7     N  Y N 135 
DG  C5     C  Y N 136 
DG  C6     C  N N 137 
DG  O6     O  N N 138 
DG  N1     N  N N 139 
DG  C2     C  N N 140 
DG  N2     N  N N 141 
DG  N3     N  N N 142 
DG  C4     C  Y N 143 
DG  HOP3   H  N N 144 
DG  HOP2   H  N N 145 
DG  "H5'"  H  N N 146 
DG  "H5''" H  N N 147 
DG  "H4'"  H  N N 148 
DG  "H3'"  H  N N 149 
DG  "HO3'" H  N N 150 
DG  "H2'"  H  N N 151 
DG  "H2''" H  N N 152 
DG  "H1'"  H  N N 153 
DG  H8     H  N N 154 
DG  H1     H  N N 155 
DG  H21    H  N N 156 
DG  H22    H  N N 157 
DT  OP3    O  N N 158 
DT  P      P  N N 159 
DT  OP1    O  N N 160 
DT  OP2    O  N N 161 
DT  "O5'"  O  N N 162 
DT  "C5'"  C  N N 163 
DT  "C4'"  C  N R 164 
DT  "O4'"  O  N N 165 
DT  "C3'"  C  N S 166 
DT  "O3'"  O  N N 167 
DT  "C2'"  C  N N 168 
DT  "C1'"  C  N R 169 
DT  N1     N  N N 170 
DT  C2     C  N N 171 
DT  O2     O  N N 172 
DT  N3     N  N N 173 
DT  C4     C  N N 174 
DT  O4     O  N N 175 
DT  C5     C  N N 176 
DT  C7     C  N N 177 
DT  C6     C  N N 178 
DT  HOP3   H  N N 179 
DT  HOP2   H  N N 180 
DT  "H5'"  H  N N 181 
DT  "H5''" H  N N 182 
DT  "H4'"  H  N N 183 
DT  "H3'"  H  N N 184 
DT  "HO3'" H  N N 185 
DT  "H2'"  H  N N 186 
DT  "H2''" H  N N 187 
DT  "H1'"  H  N N 188 
DT  H3     H  N N 189 
DT  H71    H  N N 190 
DT  H72    H  N N 191 
DT  H73    H  N N 192 
DT  H6     H  N N 193 
HOH O      O  N N 194 
HOH H1     H  N N 195 
HOH H2     H  N N 196 
MG  MG     MG N N 197 
# 
loop_
_chem_comp_bond.comp_id 
_chem_comp_bond.atom_id_1 
_chem_comp_bond.atom_id_2 
_chem_comp_bond.value_order 
_chem_comp_bond.pdbx_aromatic_flag 
_chem_comp_bond.pdbx_stereo_config 
_chem_comp_bond.pdbx_ordinal 
DA  OP3   P      sing N N 1   
DA  OP3   HOP3   sing N N 2   
DA  P     OP1    doub N N 3   
DA  P     OP2    sing N N 4   
DA  P     "O5'"  sing N N 5   
DA  OP2   HOP2   sing N N 6   
DA  "O5'" "C5'"  sing N N 7   
DA  "C5'" "C4'"  sing N N 8   
DA  "C5'" "H5'"  sing N N 9   
DA  "C5'" "H5''" sing N N 10  
DA  "C4'" "O4'"  sing N N 11  
DA  "C4'" "C3'"  sing N N 12  
DA  "C4'" "H4'"  sing N N 13  
DA  "O4'" "C1'"  sing N N 14  
DA  "C3'" "O3'"  sing N N 15  
DA  "C3'" "C2'"  sing N N 16  
DA  "C3'" "H3'"  sing N N 17  
DA  "O3'" "HO3'" sing N N 18  
DA  "C2'" "C1'"  sing N N 19  
DA  "C2'" "H2'"  sing N N 20  
DA  "C2'" "H2''" sing N N 21  
DA  "C1'" N9     sing N N 22  
DA  "C1'" "H1'"  sing N N 23  
DA  N9    C8     sing Y N 24  
DA  N9    C4     sing Y N 25  
DA  C8    N7     doub Y N 26  
DA  C8    H8     sing N N 27  
DA  N7    C5     sing Y N 28  
DA  C5    C6     sing Y N 29  
DA  C5    C4     doub Y N 30  
DA  C6    N6     sing N N 31  
DA  C6    N1     doub Y N 32  
DA  N6    H61    sing N N 33  
DA  N6    H62    sing N N 34  
DA  N1    C2     sing Y N 35  
DA  C2    N3     doub Y N 36  
DA  C2    H2     sing N N 37  
DA  N3    C4     sing Y N 38  
DBN C27   C28    sing N N 39  
DBN C27   N22    sing N N 40  
DBN C27   H271   sing N N 41  
DBN C27   H272   sing N N 42  
DBN C28   N23    sing N N 43  
DBN C28   H281   sing N N 44  
DBN C28   H282   sing N N 45  
DBN C29   C30    sing N N 46  
DBN C29   N25    sing N N 47  
DBN C29   H291   sing N N 48  
DBN C29   H292   sing N N 49  
DBN C30   N26    sing N N 50  
DBN C30   H301   sing N N 51  
DBN C30   H302   sing N N 52  
DBN C1    S2     sing Y N 53  
DBN C1    C5     doub Y N 54  
DBN C1    C15    sing Y N 55  
DBN S2    C3     sing Y N 56  
DBN C3    C4     doub Y N 57  
DBN C3    C6     sing Y N 58  
DBN C4    C5     sing Y N 59  
DBN C4    H4     sing N N 60  
DBN C5    H5     sing N N 61  
DBN C6    N7     doub Y N 62  
DBN C6    N10    sing Y N 63  
DBN N7    C8     sing Y N 64  
DBN C8    C9     doub Y N 65  
DBN C8    C11    sing Y N 66  
DBN C9    N10    sing Y N 67  
DBN C9    C14    sing Y N 68  
DBN N10   H10    sing N N 69  
DBN C11   C12    doub Y N 70  
DBN C11   H11    sing N N 71  
DBN C12   C13    sing Y N 72  
DBN C12   H12    sing N N 73  
DBN C13   C14    doub Y N 74  
DBN C13   C21    sing N N 75  
DBN C14   H14    sing N N 76  
DBN C15   C16    sing Y N 77  
DBN C15   C20    doub Y N 78  
DBN C16   C17    doub Y N 79  
DBN C16   H16    sing N N 80  
DBN C17   C18    sing Y N 81  
DBN C17   H17    sing N N 82  
DBN C18   C19    doub Y N 83  
DBN C18   C24    sing N N 84  
DBN C19   C20    sing Y N 85  
DBN C19   H19    sing N N 86  
DBN C20   H20    sing N N 87  
DBN C21   N22    sing N N 88  
DBN C21   N23    doub N N 89  
DBN N22   H22    sing N N 90  
DBN C24   N25    sing N N 91  
DBN C24   N26    doub N N 92  
DBN N25   H25    sing N N 93  
DC  OP3   P      sing N N 94  
DC  OP3   HOP3   sing N N 95  
DC  P     OP1    doub N N 96  
DC  P     OP2    sing N N 97  
DC  P     "O5'"  sing N N 98  
DC  OP2   HOP2   sing N N 99  
DC  "O5'" "C5'"  sing N N 100 
DC  "C5'" "C4'"  sing N N 101 
DC  "C5'" "H5'"  sing N N 102 
DC  "C5'" "H5''" sing N N 103 
DC  "C4'" "O4'"  sing N N 104 
DC  "C4'" "C3'"  sing N N 105 
DC  "C4'" "H4'"  sing N N 106 
DC  "O4'" "C1'"  sing N N 107 
DC  "C3'" "O3'"  sing N N 108 
DC  "C3'" "C2'"  sing N N 109 
DC  "C3'" "H3'"  sing N N 110 
DC  "O3'" "HO3'" sing N N 111 
DC  "C2'" "C1'"  sing N N 112 
DC  "C2'" "H2'"  sing N N 113 
DC  "C2'" "H2''" sing N N 114 
DC  "C1'" N1     sing N N 115 
DC  "C1'" "H1'"  sing N N 116 
DC  N1    C2     sing N N 117 
DC  N1    C6     sing N N 118 
DC  C2    O2     doub N N 119 
DC  C2    N3     sing N N 120 
DC  N3    C4     doub N N 121 
DC  C4    N4     sing N N 122 
DC  C4    C5     sing N N 123 
DC  N4    H41    sing N N 124 
DC  N4    H42    sing N N 125 
DC  C5    C6     doub N N 126 
DC  C5    H5     sing N N 127 
DC  C6    H6     sing N N 128 
DG  OP3   P      sing N N 129 
DG  OP3   HOP3   sing N N 130 
DG  P     OP1    doub N N 131 
DG  P     OP2    sing N N 132 
DG  P     "O5'"  sing N N 133 
DG  OP2   HOP2   sing N N 134 
DG  "O5'" "C5'"  sing N N 135 
DG  "C5'" "C4'"  sing N N 136 
DG  "C5'" "H5'"  sing N N 137 
DG  "C5'" "H5''" sing N N 138 
DG  "C4'" "O4'"  sing N N 139 
DG  "C4'" "C3'"  sing N N 140 
DG  "C4'" "H4'"  sing N N 141 
DG  "O4'" "C1'"  sing N N 142 
DG  "C3'" "O3'"  sing N N 143 
DG  "C3'" "C2'"  sing N N 144 
DG  "C3'" "H3'"  sing N N 145 
DG  "O3'" "HO3'" sing N N 146 
DG  "C2'" "C1'"  sing N N 147 
DG  "C2'" "H2'"  sing N N 148 
DG  "C2'" "H2''" sing N N 149 
DG  "C1'" N9     sing N N 150 
DG  "C1'" "H1'"  sing N N 151 
DG  N9    C8     sing Y N 152 
DG  N9    C4     sing Y N 153 
DG  C8    N7     doub Y N 154 
DG  C8    H8     sing N N 155 
DG  N7    C5     sing Y N 156 
DG  C5    C6     sing N N 157 
DG  C5    C4     doub Y N 158 
DG  C6    O6     doub N N 159 
DG  C6    N1     sing N N 160 
DG  N1    C2     sing N N 161 
DG  N1    H1     sing N N 162 
DG  C2    N2     sing N N 163 
DG  C2    N3     doub N N 164 
DG  N2    H21    sing N N 165 
DG  N2    H22    sing N N 166 
DG  N3    C4     sing N N 167 
DT  OP3   P      sing N N 168 
DT  OP3   HOP3   sing N N 169 
DT  P     OP1    doub N N 170 
DT  P     OP2    sing N N 171 
DT  P     "O5'"  sing N N 172 
DT  OP2   HOP2   sing N N 173 
DT  "O5'" "C5'"  sing N N 174 
DT  "C5'" "C4'"  sing N N 175 
DT  "C5'" "H5'"  sing N N 176 
DT  "C5'" "H5''" sing N N 177 
DT  "C4'" "O4'"  sing N N 178 
DT  "C4'" "C3'"  sing N N 179 
DT  "C4'" "H4'"  sing N N 180 
DT  "O4'" "C1'"  sing N N 181 
DT  "C3'" "O3'"  sing N N 182 
DT  "C3'" "C2'"  sing N N 183 
DT  "C3'" "H3'"  sing N N 184 
DT  "O3'" "HO3'" sing N N 185 
DT  "C2'" "C1'"  sing N N 186 
DT  "C2'" "H2'"  sing N N 187 
DT  "C2'" "H2''" sing N N 188 
DT  "C1'" N1     sing N N 189 
DT  "C1'" "H1'"  sing N N 190 
DT  N1    C2     sing N N 191 
DT  N1    C6     sing N N 192 
DT  C2    O2     doub N N 193 
DT  C2    N3     sing N N 194 
DT  N3    C4     sing N N 195 
DT  N3    H3     sing N N 196 
DT  C4    O4     doub N N 197 
DT  C4    C5     sing N N 198 
DT  C5    C7     sing N N 199 
DT  C5    C6     doub N N 200 
DT  C7    H71    sing N N 201 
DT  C7    H72    sing N N 202 
DT  C7    H73    sing N N 203 
DT  C6    H6     sing N N 204 
HOH O     H1     sing N N 205 
HOH O     H2     sing N N 206 
# 
loop_
_ndb_struct_conf_na.entry_id 
_ndb_struct_conf_na.feature 
2B3E 'double helix'        
2B3E 'b-form double helix' 
# 
loop_
_ndb_struct_na_base_pair.model_number 
_ndb_struct_na_base_pair.i_label_asym_id 
_ndb_struct_na_base_pair.i_label_comp_id 
_ndb_struct_na_base_pair.i_label_seq_id 
_ndb_struct_na_base_pair.i_symmetry 
_ndb_struct_na_base_pair.j_label_asym_id 
_ndb_struct_na_base_pair.j_label_comp_id 
_ndb_struct_na_base_pair.j_label_seq_id 
_ndb_struct_na_base_pair.j_symmetry 
_ndb_struct_na_base_pair.shear 
_ndb_struct_na_base_pair.stretch 
_ndb_struct_na_base_pair.stagger 
_ndb_struct_na_base_pair.buckle 
_ndb_struct_na_base_pair.propeller 
_ndb_struct_na_base_pair.opening 
_ndb_struct_na_base_pair.pair_number 
_ndb_struct_na_base_pair.pair_name 
_ndb_struct_na_base_pair.i_auth_asym_id 
_ndb_struct_na_base_pair.i_auth_seq_id 
_ndb_struct_na_base_pair.i_PDB_ins_code 
_ndb_struct_na_base_pair.j_auth_asym_id 
_ndb_struct_na_base_pair.j_auth_seq_id 
_ndb_struct_na_base_pair.j_PDB_ins_code 
_ndb_struct_na_base_pair.hbond_type_28 
_ndb_struct_na_base_pair.hbond_type_12 
1 A DC 1  1_555 B DG 12 1_555 0.223  -0.160 0.234  0.405  -19.005 -0.625 1  A_DC1:DG24_B  A 1  ? B 24 ? 19 1 
1 A DG 2  1_555 B DC 11 1_555 -0.294 -0.176 0.273  3.145  -5.539  -2.189 2  A_DG2:DC23_B  A 2  ? B 23 ? 19 1 
1 A DC 3  1_555 B DG 10 1_555 0.268  -0.099 0.178  -3.677 -6.041  -0.369 3  A_DC3:DG22_B  A 3  ? B 22 ? 19 1 
1 A DG 4  1_555 B DC 9  1_555 -0.207 -0.079 0.018  12.096 -8.220  -1.835 4  A_DG4:DC21_B  A 4  ? B 21 ? 19 1 
1 A DA 5  1_555 B DT 8  1_555 -0.054 -0.149 -0.160 6.706  -18.437 2.162  5  A_DA5:DT20_B  A 5  ? B 20 ? 20 1 
1 A DA 6  1_555 B DT 7  1_555 0.091  -0.153 -0.051 2.819  -20.625 7.071  6  A_DA6:DT19_B  A 6  ? B 19 ? 20 1 
1 A DT 7  1_555 B DA 6  1_555 -0.132 -0.098 -0.026 -3.021 -18.608 5.750  7  A_DT7:DA18_B  A 7  ? B 18 ? 20 1 
1 A DT 8  1_555 B DA 5  1_555 0.004  -0.176 -0.164 -3.453 -16.655 3.246  8  A_DT8:DA17_B  A 8  ? B 17 ? 20 1 
1 A DC 9  1_555 B DG 4  1_555 0.265  -0.127 0.102  -9.045 -9.582  1.554  9  A_DC9:DG16_B  A 9  ? B 16 ? 19 1 
1 A DG 10 1_555 B DC 3  1_555 -0.299 -0.101 0.176  10.324 -2.527  1.885  10 A_DG10:DC15_B A 10 ? B 15 ? 19 1 
1 A DC 11 1_555 B DG 2  1_555 0.204  -0.143 0.321  6.144  -23.613 -3.013 11 A_DC11:DG14_B A 11 ? B 14 ? 19 1 
1 A DG 12 1_555 B DC 1  1_555 -0.405 -0.121 -0.188 8.081  18.740  -1.355 12 A_DG12:DC13_B A 12 ? B 13 ? 19 1 
# 
loop_
_ndb_struct_na_base_pair_step.model_number 
_ndb_struct_na_base_pair_step.i_label_asym_id_1 
_ndb_struct_na_base_pair_step.i_label_comp_id_1 
_ndb_struct_na_base_pair_step.i_label_seq_id_1 
_ndb_struct_na_base_pair_step.i_symmetry_1 
_ndb_struct_na_base_pair_step.j_label_asym_id_1 
_ndb_struct_na_base_pair_step.j_label_comp_id_1 
_ndb_struct_na_base_pair_step.j_label_seq_id_1 
_ndb_struct_na_base_pair_step.j_symmetry_1 
_ndb_struct_na_base_pair_step.i_label_asym_id_2 
_ndb_struct_na_base_pair_step.i_label_comp_id_2 
_ndb_struct_na_base_pair_step.i_label_seq_id_2 
_ndb_struct_na_base_pair_step.i_symmetry_2 
_ndb_struct_na_base_pair_step.j_label_asym_id_2 
_ndb_struct_na_base_pair_step.j_label_comp_id_2 
_ndb_struct_na_base_pair_step.j_label_seq_id_2 
_ndb_struct_na_base_pair_step.j_symmetry_2 
_ndb_struct_na_base_pair_step.shift 
_ndb_struct_na_base_pair_step.slide 
_ndb_struct_na_base_pair_step.rise 
_ndb_struct_na_base_pair_step.tilt 
_ndb_struct_na_base_pair_step.roll 
_ndb_struct_na_base_pair_step.twist 
_ndb_struct_na_base_pair_step.x_displacement 
_ndb_struct_na_base_pair_step.y_displacement 
_ndb_struct_na_base_pair_step.helical_rise 
_ndb_struct_na_base_pair_step.inclination 
_ndb_struct_na_base_pair_step.tip 
_ndb_struct_na_base_pair_step.helical_twist 
_ndb_struct_na_base_pair_step.step_number 
_ndb_struct_na_base_pair_step.step_name 
_ndb_struct_na_base_pair_step.i_auth_asym_id_1 
_ndb_struct_na_base_pair_step.i_auth_seq_id_1 
_ndb_struct_na_base_pair_step.i_PDB_ins_code_1 
_ndb_struct_na_base_pair_step.j_auth_asym_id_1 
_ndb_struct_na_base_pair_step.j_auth_seq_id_1 
_ndb_struct_na_base_pair_step.j_PDB_ins_code_1 
_ndb_struct_na_base_pair_step.i_auth_asym_id_2 
_ndb_struct_na_base_pair_step.i_auth_seq_id_2 
_ndb_struct_na_base_pair_step.i_PDB_ins_code_2 
_ndb_struct_na_base_pair_step.j_auth_asym_id_2 
_ndb_struct_na_base_pair_step.j_auth_seq_id_2 
_ndb_struct_na_base_pair_step.j_PDB_ins_code_2 
1 A DC 1  1_555 B DG 12 1_555 A DG 2  1_555 B DC 11 1_555 -0.264 0.025  3.247 -0.916 6.596   31.937 -1.096 0.312  3.194 11.828  
1.643  32.606 1  AA_DC1DG2:DC23DG24_BB   A 1  ? B 24 ? A 2  ? B 23 ? 
1 A DG 2  1_555 B DC 11 1_555 A DC 3  1_555 B DG 10 1_555 0.804  0.575  3.449 1.695  -2.841  43.055 1.075  -0.918 3.434 -3.864  
-2.306 43.176 2  AA_DG2DC3:DG22DC23_BB   A 2  ? B 23 ? A 3  ? B 22 ? 
1 A DC 3  1_555 B DG 10 1_555 A DG 4  1_555 B DC 9  1_555 -0.494 0.593  3.084 2.813  10.087  26.493 -1.036 1.631  3.034 20.997  
-5.856 28.453 3  AA_DC3DG4:DC21DG22_BB   A 3  ? B 22 ? A 4  ? B 21 ? 
1 A DG 4  1_555 B DC 9  1_555 A DA 5  1_555 B DT 8  1_555 -0.012 0.094  3.414 1.426  3.107   37.024 -0.284 0.217  3.408 4.880   
-2.239 37.176 4  AA_DG4DA5:DT20DC21_BB   A 4  ? B 21 ? A 5  ? B 20 ? 
1 A DA 5  1_555 B DT 8  1_555 A DA 6  1_555 B DT 7  1_555 0.265  -0.252 3.285 -1.093 4.559   36.720 -1.009 -0.564 3.223 7.201   
1.726  37.008 5  AA_DA5DA6:DT19DT20_BB   A 5  ? B 20 ? A 6  ? B 19 ? 
1 A DA 6  1_555 B DT 7  1_555 A DT 7  1_555 B DA 6  1_555 0.039  -0.504 3.292 0.318  -0.047  31.562 -0.918 -0.012 3.293 -0.087  
-0.585 31.563 6  AA_DA6DT7:DA18DT19_BB   A 6  ? B 19 ? A 7  ? B 18 ? 
1 A DT 7  1_555 B DA 6  1_555 A DT 8  1_555 B DA 5  1_555 -0.098 -0.158 3.212 2.403  1.051   37.275 -0.382 0.464  3.194 1.641   
-3.754 37.364 7  AA_DT7DT8:DA17DA18_BB   A 7  ? B 18 ? A 8  ? B 17 ? 
1 A DT 8  1_555 B DA 5  1_555 A DC 9  1_555 B DG 4  1_555 0.149  0.282  3.410 -0.156 -0.568  40.486 0.474  -0.234 3.405 -0.821  
0.226  40.490 8  AA_DT8DC9:DG16DA17_BB   A 8  ? B 17 ? A 9  ? B 16 ? 
1 A DC 9  1_555 B DG 4  1_555 A DG 10 1_555 B DC 3  1_555 0.398  1.298  3.095 -1.839 7.876   23.688 0.642  -1.469 3.308 18.509  
4.322  25.013 9  AA_DC9DG10:DC15DG16_BB  A 9  ? B 16 ? A 10 ? B 15 ? 
1 A DG 10 1_555 B DC 3  1_555 A DC 11 1_555 B DG 2  1_555 -1.060 0.939  3.497 -2.760 -12.405 45.733 2.220  1.085  3.208 -15.609 
3.473  47.374 10 AA_DG10DC11:DG14DC15_BB A 10 ? B 15 ? A 11 ? B 14 ? 
1 A DC 11 1_555 B DG 2  1_555 A DG 12 1_555 B DC 1  1_555 1.496  0.702  3.559 4.824  -12.171 34.430 2.916  -1.658 3.305 -19.702 
-7.809 36.764 11 AA_DC11DG12:DC13DG14_BB A 11 ? B 14 ? A 12 ? B 13 ? 
# 
loop_
_pdbx_entity_nonpoly.entity_id 
_pdbx_entity_nonpoly.name 
_pdbx_entity_nonpoly.comp_id 
2 'MAGNESIUM ION'                                                                                              MG  
3 '6-(4,5-DIHYDRO-1H-IMIDAZOL-2-YL)-2-{5-[4-(4,5-DIHYDRO-1H-IMIDAZOL-2-YL)PHENYL]THIEN-2-YL}-1H-BENZIMIDAZOLE' DBN 
4 water                                                                                                        HOH 
# 
_pdbx_initial_refinement_model.id               1 
_pdbx_initial_refinement_model.entity_id_list   ? 
_pdbx_initial_refinement_model.type             'experimental model' 
_pdbx_initial_refinement_model.source_name      PDB 
_pdbx_initial_refinement_model.accession_code   2DBE 
_pdbx_initial_refinement_model.details          'DNA PART OF NDB ENTRY GDL009 OR PDB ENTRY 2DBE' 
# 
